data_4ZQH
#
_entry.id   4ZQH
#
_cell.length_a   65.719
_cell.length_b   65.719
_cell.length_c   391.454
_cell.angle_alpha   90.00
_cell.angle_beta   90.00
_cell.angle_gamma   120.00
#
_symmetry.space_group_name_H-M   'P 65'
#
loop_
_entity.id
_entity.type
_entity.pdbx_description
1 polymer '1-deoxy-D-xylulose 5-phosphate reductoisomerase'
2 non-polymer 'NADPH DIHYDRO-NICOTINAMIDE-ADENINE-DINUCLEOTIDE PHOSPHATE'
3 non-polymer 'MAGNESIUM ION'
4 non-polymer '3-[FORMYL(HYDROXY)AMINO]PROPYLPHOSPHONIC ACID'
5 non-polymer GLYCEROL
6 non-polymer '2-[N-CYCLOHEXYLAMINO]ETHANE SULFONIC ACID'
7 water water
#
_entity_poly.entity_id   1
_entity_poly.type   'polypeptide(L)'
_entity_poly.pdbx_seq_one_letter_code
;MAHHHHHHSSGLEVLFQGPADTLQSLAILGATGSIGDSTLAIIRQHPNRYRIHALTGFSRVDKLLALAMEFHPVKICTSP
DNYAQLSQKVTDAGLDTIILSGDEGLIEIASDEAVDTVVAAIVGAAGLSSTLAAAGAGKRILLANKESLVMAGDLVIKTA
KKHGATILPIDSEHNAIYQCLPAAIQADNTAIHHTSYGIKKLWLTASGGSFLDKSIKQMQNASVKEAVNHPNWSMGQKIS
IDSATMMNKGLELIEACHLFDLKEHQIQVVIHPNSVVHSLVEYVDGSFLAQLGTPDMKTPIAHALAYPERIKSGVMPLDL
YQLGSLKFLAPDLDKFACLKLARYAARLGTGACIALNTANEIAVEAFLAEKICLTDIAVIVKACLDDKTIAQDYSQDFGD
EVLGLERILTMDKKVRKIATAKIKLLKQGDVL
;
_entity_poly.pdbx_strand_id   A,B
#
# COMPACT_ATOMS: atom_id res chain seq x y z
N LEU A 23 31.08 7.21 0.90
CA LEU A 23 30.28 6.20 0.13
C LEU A 23 29.94 5.02 0.99
N GLN A 24 28.68 4.65 1.02
CA GLN A 24 28.28 3.49 1.80
C GLN A 24 29.04 2.27 1.31
N SER A 25 29.75 1.65 2.24
CA SER A 25 30.58 0.50 1.95
C SER A 25 29.77 -0.78 1.96
N LEU A 26 29.95 -1.66 0.99
CA LEU A 26 29.08 -2.83 0.82
C LEU A 26 29.86 -4.14 0.83
N ALA A 27 29.30 -5.14 1.51
CA ALA A 27 29.82 -6.53 1.44
C ALA A 27 28.70 -7.40 1.01
N ILE A 28 28.87 -8.15 -0.07
CA ILE A 28 27.82 -8.98 -0.64
C ILE A 28 28.10 -10.47 -0.52
N LEU A 29 27.31 -11.12 0.31
CA LEU A 29 27.48 -12.52 0.61
C LEU A 29 26.53 -13.32 -0.24
N GLY A 30 27.06 -14.13 -1.13
CA GLY A 30 26.25 -14.86 -2.08
C GLY A 30 26.19 -14.08 -3.38
N ALA A 31 27.31 -13.46 -3.73
CA ALA A 31 27.38 -12.54 -4.85
C ALA A 31 27.27 -13.20 -6.20
N THR A 32 27.51 -14.50 -6.26
CA THR A 32 27.53 -15.22 -7.51
C THR A 32 26.16 -15.79 -7.91
N GLY A 33 25.22 -15.78 -6.97
CA GLY A 33 23.88 -16.32 -7.19
C GLY A 33 22.83 -15.32 -7.70
N SER A 34 21.59 -15.79 -7.68
CA SER A 34 20.46 -15.05 -8.25
C SER A 34 20.26 -13.66 -7.65
N ILE A 35 20.22 -13.63 -6.33
CA ILE A 35 20.06 -12.39 -5.62
C ILE A 35 21.30 -11.55 -5.81
N GLY A 36 22.46 -12.22 -5.83
CA GLY A 36 23.73 -11.57 -6.23
C GLY A 36 23.68 -10.78 -7.54
N ASP A 37 23.16 -11.43 -8.57
CA ASP A 37 22.95 -10.78 -9.87
C ASP A 37 22.10 -9.49 -9.79
N SER A 38 20.92 -9.54 -9.17
CA SER A 38 20.06 -8.36 -9.10
C SER A 38 20.69 -7.24 -8.28
N THR A 39 21.36 -7.59 -7.19
CA THR A 39 22.02 -6.58 -6.37
C THR A 39 23.06 -5.88 -7.22
N LEU A 40 23.89 -6.69 -7.86
CA LEU A 40 24.98 -6.15 -8.66
C LEU A 40 24.49 -5.30 -9.82
N ALA A 41 23.32 -5.66 -10.38
CA ALA A 41 22.70 -4.93 -11.47
C ALA A 41 22.22 -3.56 -11.06
N ILE A 42 21.86 -3.43 -9.79
CA ILE A 42 21.52 -2.11 -9.27
C ILE A 42 22.76 -1.29 -9.11
N ILE A 43 23.81 -1.92 -8.60
CA ILE A 43 25.09 -1.21 -8.36
C ILE A 43 25.66 -0.59 -9.65
N ARG A 44 25.52 -1.31 -10.77
CA ARG A 44 26.02 -0.86 -12.05
C ARG A 44 25.26 0.33 -12.61
N GLN A 45 24.04 0.54 -12.11
CA GLN A 45 23.26 1.69 -12.46
C GLN A 45 23.59 2.86 -11.57
N HIS A 46 24.27 2.59 -10.45
CA HIS A 46 24.58 3.64 -9.45
C HIS A 46 26.03 3.58 -8.99
N PRO A 47 26.97 3.86 -9.89
CA PRO A 47 28.39 3.65 -9.56
C PRO A 47 29.00 4.65 -8.57
N ASN A 48 28.66 5.92 -8.67
CA ASN A 48 29.21 6.89 -7.74
C ASN A 48 28.48 6.93 -6.39
N ARG A 49 27.83 5.83 -6.00
CA ARG A 49 26.97 5.82 -4.80
C ARG A 49 27.38 4.80 -3.71
N TYR A 50 27.79 3.60 -4.14
CA TYR A 50 28.27 2.54 -3.26
C TYR A 50 29.71 2.14 -3.59
N ARG A 51 30.47 1.73 -2.58
CA ARG A 51 31.80 1.13 -2.74
C ARG A 51 31.65 -0.37 -2.53
N ILE A 52 32.20 -1.20 -3.39
CA ILE A 52 32.20 -2.65 -3.15
C ILE A 52 33.43 -3.01 -2.36
N HIS A 53 33.25 -3.43 -1.12
CA HIS A 53 34.34 -3.81 -0.25
C HIS A 53 34.63 -5.29 -0.36
N ALA A 54 33.60 -6.11 -0.45
CA ALA A 54 33.80 -7.55 -0.50
C ALA A 54 32.72 -8.28 -1.26
N LEU A 55 33.07 -9.43 -1.83
CA LEU A 55 32.12 -10.25 -2.58
C LEU A 55 32.43 -11.70 -2.32
N THR A 56 31.42 -12.54 -2.12
CA THR A 56 31.67 -13.93 -1.82
C THR A 56 30.92 -14.86 -2.74
N GLY A 57 31.49 -16.03 -2.98
CA GLY A 57 30.89 -17.09 -3.75
C GLY A 57 31.40 -18.38 -3.16
N PHE A 58 30.92 -19.51 -3.66
CA PHE A 58 31.29 -20.80 -3.14
C PHE A 58 31.92 -21.63 -4.27
N SER A 59 31.10 -22.17 -5.17
CA SER A 59 31.57 -23.07 -6.19
C SER A 59 31.91 -22.37 -7.52
N ARG A 60 31.34 -21.19 -7.78
CA ARG A 60 31.55 -20.50 -9.06
C ARG A 60 32.74 -19.57 -9.00
N VAL A 61 33.92 -20.19 -9.05
CA VAL A 61 35.19 -19.49 -8.93
C VAL A 61 35.42 -18.48 -10.03
N ASP A 62 35.14 -18.90 -11.25
CA ASP A 62 35.39 -18.07 -12.42
C ASP A 62 34.50 -16.82 -12.43
N LYS A 63 33.22 -17.04 -12.16
CA LYS A 63 32.30 -15.93 -12.00
C LYS A 63 32.80 -15.01 -10.90
N LEU A 64 33.17 -15.56 -9.75
CA LEU A 64 33.71 -14.70 -8.67
C LEU A 64 34.92 -13.87 -9.09
N LEU A 65 35.83 -14.51 -9.82
CA LEU A 65 36.99 -13.83 -10.40
C LEU A 65 36.57 -12.70 -11.33
N ALA A 66 35.68 -13.04 -12.28
CA ALA A 66 35.14 -12.03 -13.20
C ALA A 66 34.55 -10.86 -12.43
N LEU A 67 33.85 -11.14 -11.35
CA LEU A 67 33.30 -10.06 -10.52
C LEU A 67 34.39 -9.27 -9.83
N ALA A 68 35.46 -9.93 -9.43
CA ALA A 68 36.58 -9.24 -8.76
C ALA A 68 37.33 -8.28 -9.68
N MET A 69 37.50 -8.69 -10.92
CA MET A 69 38.15 -7.84 -11.92
C MET A 69 37.31 -6.61 -12.25
N GLU A 70 36.00 -6.81 -12.29
CA GLU A 70 35.07 -5.72 -12.57
C GLU A 70 35.01 -4.68 -11.46
N PHE A 71 34.81 -5.13 -10.23
CA PHE A 71 34.59 -4.19 -9.14
C PHE A 71 35.81 -3.84 -8.31
N HIS A 72 36.89 -4.63 -8.42
N HIS A 72 36.88 -4.63 -8.42
CA HIS A 72 38.11 -4.46 -7.61
CA HIS A 72 38.11 -4.49 -7.59
C HIS A 72 37.83 -4.35 -6.09
C HIS A 72 37.82 -4.36 -6.09
N PRO A 73 37.24 -5.40 -5.49
CA PRO A 73 36.91 -5.38 -4.06
C PRO A 73 38.12 -5.54 -3.20
N VAL A 74 38.08 -5.07 -1.96
CA VAL A 74 39.19 -5.26 -0.99
C VAL A 74 39.34 -6.74 -0.56
N LYS A 75 38.25 -7.46 -0.40
CA LYS A 75 38.29 -8.85 -0.02
C LYS A 75 37.30 -9.70 -0.82
N ILE A 76 37.63 -10.95 -0.99
CA ILE A 76 36.66 -11.91 -1.48
C ILE A 76 36.86 -13.23 -0.75
N CYS A 77 35.83 -14.06 -0.73
CA CYS A 77 35.85 -15.29 0.00
C CYS A 77 35.23 -16.31 -0.89
N THR A 78 35.83 -17.50 -0.93
CA THR A 78 35.32 -18.62 -1.73
C THR A 78 35.28 -19.86 -0.86
N SER A 79 35.02 -21.02 -1.46
CA SER A 79 35.02 -22.27 -0.69
C SER A 79 36.41 -22.73 -0.34
N PRO A 80 36.54 -23.54 0.74
CA PRO A 80 37.89 -24.02 1.13
C PRO A 80 38.64 -24.80 0.04
N ASP A 81 37.91 -25.60 -0.75
CA ASP A 81 38.47 -26.38 -1.85
C ASP A 81 38.90 -25.53 -3.06
N ASN A 82 38.42 -24.29 -3.14
CA ASN A 82 38.87 -23.40 -4.20
C ASN A 82 39.82 -22.32 -3.74
N TYR A 83 40.18 -22.33 -2.46
CA TYR A 83 41.02 -21.26 -1.94
C TYR A 83 42.29 -21.05 -2.76
N ALA A 84 43.07 -22.13 -2.86
CA ALA A 84 44.38 -22.10 -3.54
C ALA A 84 44.26 -21.64 -5.00
N GLN A 85 43.41 -22.34 -5.76
CA GLN A 85 43.15 -22.05 -7.17
C GLN A 85 42.76 -20.61 -7.37
N LEU A 86 41.82 -20.12 -6.58
CA LEU A 86 41.36 -18.75 -6.76
C LEU A 86 42.44 -17.72 -6.37
N SER A 87 43.23 -18.00 -5.33
CA SER A 87 44.35 -17.13 -4.98
C SER A 87 45.36 -17.01 -6.12
N GLN A 88 45.60 -18.12 -6.81
CA GLN A 88 46.54 -18.14 -7.94
C GLN A 88 46.01 -17.25 -9.09
N LYS A 89 44.73 -17.38 -9.41
CA LYS A 89 44.14 -16.65 -10.53
C LYS A 89 44.06 -15.15 -10.23
N VAL A 90 43.79 -14.84 -8.98
CA VAL A 90 43.71 -13.47 -8.54
C VAL A 90 45.03 -12.77 -8.62
N THR A 91 46.13 -13.46 -8.30
CA THR A 91 47.45 -12.82 -8.36
C THR A 91 47.85 -12.73 -9.81
N ASP A 92 47.53 -13.76 -10.60
CA ASP A 92 47.80 -13.73 -12.06
C ASP A 92 47.07 -12.59 -12.77
N ALA A 93 45.91 -12.21 -12.28
CA ALA A 93 45.19 -11.07 -12.82
C ALA A 93 45.72 -9.70 -12.36
N GLY A 94 46.69 -9.69 -11.46
CA GLY A 94 47.23 -8.42 -10.92
C GLY A 94 46.28 -7.62 -10.05
N LEU A 95 45.37 -8.28 -9.35
CA LEU A 95 44.46 -7.60 -8.43
C LEU A 95 45.03 -7.56 -7.03
N ASP A 96 44.83 -6.43 -6.32
CA ASP A 96 45.24 -6.26 -4.93
C ASP A 96 44.34 -6.98 -3.88
N THR A 97 43.36 -7.77 -4.35
CA THR A 97 42.30 -8.24 -3.49
C THR A 97 42.73 -9.40 -2.60
N ILE A 98 42.34 -9.32 -1.33
CA ILE A 98 42.56 -10.41 -0.36
C ILE A 98 41.59 -11.54 -0.66
N ILE A 99 42.09 -12.78 -0.64
CA ILE A 99 41.23 -13.96 -0.76
C ILE A 99 41.07 -14.67 0.59
N LEU A 100 39.84 -15.03 0.93
CA LEU A 100 39.50 -15.72 2.17
C LEU A 100 38.79 -17.04 1.82
N SER A 101 38.51 -17.88 2.80
CA SER A 101 37.74 -19.11 2.55
C SER A 101 36.96 -19.60 3.77
N GLY A 102 35.92 -20.38 3.50
CA GLY A 102 35.03 -20.90 4.56
C GLY A 102 34.29 -19.90 5.43
N ASP A 103 33.66 -20.44 6.47
CA ASP A 103 32.94 -19.62 7.42
C ASP A 103 33.85 -18.55 8.03
N GLU A 104 35.09 -18.94 8.26
CA GLU A 104 36.12 -18.06 8.73
C GLU A 104 36.07 -16.73 7.99
N GLY A 105 36.08 -16.79 6.67
CA GLY A 105 36.16 -15.58 5.81
C GLY A 105 34.87 -14.79 5.79
N LEU A 106 33.77 -15.52 5.73
CA LEU A 106 32.46 -14.89 5.80
C LEU A 106 32.33 -14.09 7.09
N ILE A 107 32.75 -14.67 8.21
CA ILE A 107 32.65 -14.01 9.51
C ILE A 107 33.53 -12.77 9.53
N GLU A 108 34.77 -12.89 9.02
CA GLU A 108 35.67 -11.74 8.91
C GLU A 108 35.09 -10.58 8.10
N ILE A 109 34.50 -10.92 6.96
CA ILE A 109 33.86 -9.97 6.04
C ILE A 109 32.62 -9.39 6.70
N ALA A 110 31.76 -10.25 7.22
CA ALA A 110 30.56 -9.77 7.91
C ALA A 110 30.84 -8.84 9.09
N SER A 111 31.96 -9.04 9.80
CA SER A 111 32.32 -8.22 10.98
C SER A 111 33.40 -7.21 10.68
N ASP A 112 33.70 -7.03 9.40
CA ASP A 112 34.82 -6.21 8.97
C ASP A 112 34.56 -4.78 9.37
N GLU A 113 35.58 -4.10 9.88
CA GLU A 113 35.38 -2.75 10.40
C GLU A 113 35.09 -1.74 9.29
N ALA A 114 35.55 -2.01 8.07
CA ALA A 114 35.39 -1.07 6.94
C ALA A 114 34.11 -1.28 6.11
N VAL A 115 33.23 -2.17 6.58
CA VAL A 115 32.00 -2.51 5.91
C VAL A 115 30.80 -1.84 6.55
N ASP A 116 30.04 -1.07 5.81
CA ASP A 116 28.88 -0.38 6.35
C ASP A 116 27.67 -1.29 6.31
N THR A 117 27.47 -1.98 5.19
CA THR A 117 26.23 -2.74 4.91
C THR A 117 26.49 -4.14 4.37
N VAL A 118 25.75 -5.13 4.83
CA VAL A 118 25.97 -6.50 4.45
C VAL A 118 24.70 -7.02 3.84
N VAL A 119 24.84 -7.61 2.66
CA VAL A 119 23.75 -8.16 1.92
C VAL A 119 23.88 -9.66 2.12
N ALA A 120 22.99 -10.23 2.93
CA ALA A 120 23.04 -11.64 3.28
C ALA A 120 22.23 -12.42 2.29
N ALA A 121 22.87 -12.93 1.25
CA ALA A 121 22.17 -13.65 0.18
C ALA A 121 22.75 -15.00 -0.08
N ILE A 122 23.42 -15.56 0.92
CA ILE A 122 23.77 -16.99 0.89
C ILE A 122 22.50 -17.81 1.04
N VAL A 123 22.41 -18.90 0.33
CA VAL A 123 21.26 -19.80 0.51
C VAL A 123 21.43 -20.77 1.67
N GLY A 124 20.32 -21.02 2.37
CA GLY A 124 20.21 -22.11 3.34
C GLY A 124 20.89 -21.81 4.65
N ALA A 125 20.97 -22.82 5.52
CA ALA A 125 21.62 -22.66 6.83
C ALA A 125 23.03 -22.13 6.72
N ALA A 126 23.72 -22.46 5.61
CA ALA A 126 25.09 -22.00 5.36
C ALA A 126 25.29 -20.50 5.61
N GLY A 127 24.23 -19.70 5.49
CA GLY A 127 24.37 -18.26 5.66
C GLY A 127 24.26 -17.80 7.09
N LEU A 128 24.09 -18.74 8.01
CA LEU A 128 23.72 -18.43 9.39
C LEU A 128 24.80 -17.72 10.21
N SER A 129 26.00 -18.26 10.21
CA SER A 129 27.07 -17.73 11.06
C SER A 129 27.41 -16.31 10.70
N SER A 130 27.47 -16.03 9.39
CA SER A 130 27.87 -14.70 8.94
C SER A 130 26.79 -13.64 9.12
N THR A 131 25.53 -14.00 8.90
CA THR A 131 24.42 -13.11 9.25
C THR A 131 24.51 -12.75 10.74
N LEU A 132 24.70 -13.78 11.57
CA LEU A 132 24.82 -13.61 13.01
C LEU A 132 26.00 -12.76 13.40
N ALA A 133 27.10 -12.90 12.66
CA ALA A 133 28.27 -12.05 12.82
C ALA A 133 28.04 -10.59 12.42
N ALA A 134 27.28 -10.36 11.34
CA ALA A 134 26.94 -8.98 10.97
C ALA A 134 26.07 -8.33 12.06
N ALA A 135 25.16 -9.11 12.60
CA ALA A 135 24.33 -8.64 13.71
C ALA A 135 25.20 -8.25 14.89
N GLY A 136 26.14 -9.14 15.24
CA GLY A 136 27.08 -8.94 16.35
C GLY A 136 28.02 -7.75 16.21
N ALA A 137 28.24 -7.32 14.96
CA ALA A 137 29.09 -6.17 14.65
C ALA A 137 28.32 -4.88 14.44
N GLY A 138 27.01 -4.91 14.59
CA GLY A 138 26.20 -3.71 14.50
C GLY A 138 26.03 -3.18 13.09
N LYS A 139 25.95 -4.08 12.11
CA LYS A 139 25.89 -3.68 10.72
C LYS A 139 24.46 -3.44 10.28
N ARG A 140 24.32 -2.64 9.22
CA ARG A 140 23.08 -2.58 8.46
C ARG A 140 23.01 -3.84 7.58
N ILE A 141 21.96 -4.63 7.70
CA ILE A 141 21.95 -5.91 7.08
C ILE A 141 20.75 -5.97 6.16
N LEU A 142 20.96 -6.38 4.91
CA LEU A 142 19.88 -6.56 3.93
C LEU A 142 19.64 -8.03 3.77
N LEU A 143 18.58 -8.52 4.40
CA LEU A 143 18.35 -9.96 4.49
C LEU A 143 17.51 -10.53 3.35
N ALA A 144 18.18 -11.30 2.50
CA ALA A 144 17.50 -12.20 1.60
C ALA A 144 17.46 -13.58 2.22
N ASN A 145 18.51 -13.92 2.96
CA ASN A 145 18.74 -15.29 3.40
C ASN A 145 17.76 -15.70 4.50
N LYS A 146 16.60 -16.18 4.08
CA LYS A 146 15.47 -16.39 5.00
C LYS A 146 15.67 -17.61 5.93
N GLU A 147 16.47 -18.56 5.50
CA GLU A 147 16.74 -19.74 6.30
C GLU A 147 17.45 -19.37 7.60
N SER A 148 18.21 -18.30 7.63
CA SER A 148 19.01 -18.01 8.84
C SER A 148 18.16 -17.45 10.00
N LEU A 149 16.99 -16.95 9.67
CA LEU A 149 16.04 -16.46 10.66
C LEU A 149 15.03 -17.56 11.05
N VAL A 150 14.73 -18.45 10.11
CA VAL A 150 13.98 -19.66 10.48
C VAL A 150 14.77 -20.51 11.50
N MET A 151 16.08 -20.65 11.28
CA MET A 151 17.02 -21.40 12.13
C MET A 151 17.30 -20.73 13.46
N ALA A 152 17.44 -19.41 13.47
CA ALA A 152 17.96 -18.68 14.64
C ALA A 152 17.37 -17.29 14.85
N GLY A 153 16.08 -17.15 14.58
CA GLY A 153 15.38 -15.87 14.68
C GLY A 153 15.54 -15.22 16.04
N ASP A 154 15.28 -15.95 17.12
CA ASP A 154 15.44 -15.35 18.46
C ASP A 154 16.83 -14.78 18.67
N LEU A 155 17.85 -15.56 18.35
CA LEU A 155 19.25 -15.19 18.52
C LEU A 155 19.69 -14.07 17.60
N VAL A 156 19.27 -14.15 16.34
CA VAL A 156 19.62 -13.09 15.39
C VAL A 156 19.07 -11.74 15.83
N ILE A 157 17.75 -11.69 16.03
CA ILE A 157 17.11 -10.43 16.43
C ILE A 157 17.61 -9.90 17.76
N LYS A 158 17.68 -10.78 18.77
CA LYS A 158 18.24 -10.38 20.09
C LYS A 158 19.60 -9.74 19.88
N THR A 159 20.48 -10.44 19.16
CA THR A 159 21.87 -9.98 18.92
C THR A 159 21.93 -8.63 18.18
N ALA A 160 21.12 -8.48 17.15
CA ALA A 160 21.00 -7.21 16.43
C ALA A 160 20.62 -6.06 17.35
N LYS A 161 19.59 -6.27 18.17
CA LYS A 161 19.12 -5.22 19.09
C LYS A 161 20.16 -4.90 20.14
N LYS A 162 20.76 -5.95 20.70
CA LYS A 162 21.86 -5.80 21.65
C LYS A 162 22.99 -4.93 21.07
N HIS A 163 23.40 -5.20 19.83
CA HIS A 163 24.58 -4.56 19.24
C HIS A 163 24.30 -3.44 18.25
N GLY A 164 23.04 -3.10 18.04
CA GLY A 164 22.68 -1.94 17.22
C GLY A 164 22.72 -2.14 15.71
N ALA A 165 22.55 -3.40 15.29
CA ALA A 165 22.39 -3.73 13.89
C ALA A 165 20.96 -3.44 13.42
N THR A 166 20.84 -3.11 12.13
CA THR A 166 19.56 -2.82 11.51
C THR A 166 19.30 -3.91 10.50
N ILE A 167 18.09 -4.48 10.48
CA ILE A 167 17.72 -5.44 9.46
C ILE A 167 16.63 -4.89 8.53
N LEU A 168 16.98 -4.71 7.25
CA LEU A 168 15.98 -4.42 6.21
C LEU A 168 15.74 -5.67 5.42
N PRO A 169 14.46 -6.09 5.30
CA PRO A 169 14.17 -7.29 4.53
C PRO A 169 14.25 -7.07 3.05
N ILE A 170 14.91 -8.01 2.36
CA ILE A 170 15.03 -8.04 0.90
C ILE A 170 14.00 -8.98 0.32
N ASP A 171 13.71 -10.05 1.06
CA ASP A 171 12.64 -10.95 0.66
C ASP A 171 11.45 -10.07 0.23
N SER A 172 10.88 -10.40 -0.92
CA SER A 172 9.90 -9.56 -1.56
C SER A 172 8.68 -9.26 -0.65
N GLU A 173 8.15 -10.31 -0.04
CA GLU A 173 6.94 -10.20 0.75
C GLU A 173 7.18 -9.33 1.97
N HIS A 174 8.32 -9.51 2.58
CA HIS A 174 8.68 -8.86 3.81
C HIS A 174 9.07 -7.43 3.53
N ASN A 175 9.56 -7.19 2.33
CA ASN A 175 9.88 -5.85 1.94
C ASN A 175 8.60 -5.12 1.66
N ALA A 176 7.62 -5.80 1.06
CA ALA A 176 6.28 -5.21 0.87
C ALA A 176 5.64 -4.84 2.18
N ILE A 177 5.54 -5.81 3.07
CA ILE A 177 5.05 -5.55 4.42
C ILE A 177 5.80 -4.40 5.13
N TYR A 178 7.12 -4.36 4.98
CA TYR A 178 7.92 -3.31 5.60
C TYR A 178 7.58 -1.93 5.02
N GLN A 179 7.42 -1.85 3.72
CA GLN A 179 7.03 -0.59 3.10
C GLN A 179 5.64 -0.10 3.54
N CYS A 180 4.76 -1.04 3.86
CA CYS A 180 3.38 -0.77 4.19
C CYS A 180 3.14 -0.61 5.71
N LEU A 181 4.22 -0.48 6.48
CA LEU A 181 4.14 -0.31 7.92
C LEU A 181 4.54 1.09 8.30
N PRO A 182 4.03 1.60 9.42
CA PRO A 182 4.38 2.99 9.79
C PRO A 182 5.86 3.16 10.08
N ALA A 183 6.32 4.40 10.06
CA ALA A 183 7.72 4.72 10.28
C ALA A 183 8.20 4.21 11.63
N ALA A 184 7.49 4.57 12.69
CA ALA A 184 7.84 4.13 14.04
C ALA A 184 8.12 2.62 14.12
N ILE A 185 7.31 1.81 13.43
CA ILE A 185 7.47 0.35 13.53
C ILE A 185 8.63 -0.22 12.67
N GLN A 186 9.00 0.51 11.62
CA GLN A 186 10.14 0.13 10.77
C GLN A 186 11.42 0.18 11.61
N ALA A 187 11.59 1.31 12.32
CA ALA A 187 12.66 1.51 13.28
C ALA A 187 12.64 0.44 14.37
N ASP A 188 11.49 0.28 15.03
CA ASP A 188 11.40 -0.59 16.20
C ASP A 188 10.22 -1.55 16.10
N ASN A 189 10.52 -2.79 15.79
CA ASN A 189 9.46 -3.75 15.49
C ASN A 189 8.50 -3.99 16.66
N THR A 190 8.96 -3.75 17.89
CA THR A 190 8.15 -3.97 19.06
C THR A 190 6.93 -3.02 19.13
N ALA A 191 7.05 -1.83 18.54
CA ALA A 191 5.96 -0.85 18.51
C ALA A 191 4.67 -1.40 17.93
N ILE A 192 4.75 -2.44 17.09
CA ILE A 192 3.58 -3.09 16.50
C ILE A 192 2.53 -3.52 17.52
N HIS A 193 2.93 -3.72 18.76
CA HIS A 193 2.00 -4.15 19.82
C HIS A 193 1.29 -3.01 20.50
N HIS A 194 1.69 -1.77 20.21
CA HIS A 194 0.97 -0.59 20.63
C HIS A 194 -0.28 -0.50 19.72
N THR A 195 -1.47 -0.52 20.31
CA THR A 195 -2.72 -0.68 19.53
C THR A 195 -3.15 0.63 18.83
N SER A 196 -2.53 1.76 19.22
CA SER A 196 -2.60 3.02 18.46
C SER A 196 -2.37 2.83 16.97
N TYR A 197 -1.37 2.05 16.62
CA TYR A 197 -1.01 1.84 15.23
C TYR A 197 -2.05 1.01 14.51
N GLY A 198 -2.80 0.24 15.26
CA GLY A 198 -3.92 -0.47 14.71
C GLY A 198 -3.58 -1.50 13.64
N ILE A 199 -2.46 -2.20 13.81
CA ILE A 199 -2.16 -3.29 12.90
C ILE A 199 -2.92 -4.51 13.38
N LYS A 200 -3.62 -5.16 12.46
CA LYS A 200 -4.49 -6.27 12.84
C LYS A 200 -3.86 -7.60 12.53
N LYS A 201 -3.39 -7.73 11.28
CA LYS A 201 -2.68 -8.92 10.84
C LYS A 201 -1.89 -8.64 9.57
N LEU A 202 -0.93 -9.49 9.27
CA LEU A 202 -0.16 -9.42 8.03
C LEU A 202 -0.67 -10.46 7.02
N TRP A 203 -0.64 -10.15 5.74
CA TRP A 203 -1.10 -11.09 4.69
C TRP A 203 0.04 -11.38 3.69
N LEU A 204 0.51 -12.63 3.66
CA LEU A 204 1.57 -13.10 2.75
C LEU A 204 0.93 -13.65 1.49
N THR A 205 1.37 -13.12 0.35
CA THR A 205 0.96 -13.62 -0.96
C THR A 205 1.91 -14.74 -1.45
N ALA A 206 1.33 -15.71 -2.14
CA ALA A 206 2.07 -16.87 -2.63
C ALA A 206 1.59 -17.13 -4.04
N SER A 207 2.51 -17.39 -4.96
CA SER A 207 2.14 -17.67 -6.35
C SER A 207 1.40 -18.99 -6.49
N GLY A 208 1.60 -19.88 -5.54
CA GLY A 208 1.11 -21.25 -5.64
C GLY A 208 1.98 -22.07 -6.58
N GLY A 209 3.17 -21.56 -6.95
CA GLY A 209 4.13 -22.29 -7.77
C GLY A 209 3.56 -22.90 -9.04
N SER A 210 4.38 -23.70 -9.73
CA SER A 210 4.04 -24.22 -11.05
C SER A 210 3.07 -25.40 -11.06
N PHE A 211 2.71 -25.91 -9.90
CA PHE A 211 1.74 -27.02 -9.86
C PHE A 211 0.41 -26.58 -9.22
N LEU A 212 0.13 -25.28 -9.22
CA LEU A 212 -1.14 -24.79 -8.67
C LEU A 212 -2.37 -25.35 -9.38
N ASP A 213 -2.37 -25.35 -10.72
CA ASP A 213 -3.51 -25.85 -11.49
C ASP A 213 -3.17 -27.19 -12.13
N LYS A 214 -2.71 -28.11 -11.30
CA LYS A 214 -2.35 -29.44 -11.76
C LYS A 214 -2.74 -30.45 -10.70
N SER A 215 -3.02 -31.68 -11.10
CA SER A 215 -3.47 -32.71 -10.15
C SER A 215 -2.36 -33.09 -9.17
N ILE A 216 -2.71 -33.87 -8.15
CA ILE A 216 -1.70 -34.44 -7.25
C ILE A 216 -0.88 -35.49 -8.03
N LYS A 217 -1.54 -36.22 -8.92
CA LYS A 217 -0.86 -37.20 -9.75
C LYS A 217 0.31 -36.52 -10.49
N GLN A 218 0.03 -35.43 -11.20
CA GLN A 218 1.09 -34.73 -11.98
C GLN A 218 2.20 -34.15 -11.11
N MET A 219 1.88 -33.87 -9.85
CA MET A 219 2.84 -33.34 -8.90
C MET A 219 3.82 -34.41 -8.42
N GLN A 220 3.34 -35.66 -8.28
CA GLN A 220 4.23 -36.78 -7.99
C GLN A 220 5.21 -37.01 -9.14
N ASN A 221 4.66 -37.15 -10.35
CA ASN A 221 5.43 -37.39 -11.57
C ASN A 221 6.33 -36.25 -12.00
N ALA A 222 6.22 -35.09 -11.36
CA ALA A 222 7.02 -33.94 -11.74
C ALA A 222 8.48 -34.31 -11.92
N SER A 223 9.04 -33.89 -13.05
CA SER A 223 10.46 -33.93 -13.29
C SER A 223 11.09 -32.74 -12.60
N VAL A 224 12.40 -32.65 -12.64
CA VAL A 224 13.09 -31.59 -11.94
C VAL A 224 12.93 -30.28 -12.74
N LYS A 225 13.05 -30.39 -14.07
CA LYS A 225 12.83 -29.26 -14.98
C LYS A 225 11.48 -28.58 -14.74
N GLU A 226 10.42 -29.38 -14.56
CA GLU A 226 9.09 -28.84 -14.26
C GLU A 226 9.09 -28.13 -12.91
N ALA A 227 9.65 -28.76 -11.88
CA ALA A 227 9.67 -28.15 -10.54
C ALA A 227 10.55 -26.91 -10.46
N VAL A 228 11.70 -26.94 -11.11
CA VAL A 228 12.67 -25.84 -10.97
C VAL A 228 12.23 -24.55 -11.65
N ASN A 229 11.48 -24.64 -12.74
CA ASN A 229 11.06 -23.44 -13.47
C ASN A 229 9.74 -22.86 -12.95
N HIS A 230 9.72 -21.54 -12.81
CA HIS A 230 8.61 -20.83 -12.19
C HIS A 230 8.01 -19.88 -13.23
N PRO A 231 6.67 -19.78 -13.25
CA PRO A 231 5.99 -18.95 -14.27
C PRO A 231 6.40 -17.48 -14.29
N ASN A 232 6.58 -16.87 -13.13
CA ASN A 232 6.86 -15.45 -12.97
C ASN A 232 8.24 -15.04 -12.49
N TRP A 233 8.99 -15.92 -11.87
CA TRP A 233 10.23 -15.54 -11.19
C TRP A 233 11.37 -16.40 -11.74
N SER A 234 12.56 -15.82 -11.84
CA SER A 234 13.75 -16.59 -12.15
C SER A 234 14.66 -16.56 -10.90
N MET A 235 14.87 -17.71 -10.27
CA MET A 235 15.54 -17.72 -8.98
C MET A 235 16.55 -18.85 -8.85
N GLY A 236 17.17 -18.94 -7.68
CA GLY A 236 18.03 -20.04 -7.36
C GLY A 236 17.25 -21.32 -7.40
N GLN A 237 17.98 -22.43 -7.45
CA GLN A 237 17.39 -23.76 -7.47
C GLN A 237 16.51 -24.10 -6.27
N LYS A 238 17.00 -23.82 -5.07
CA LYS A 238 16.33 -24.27 -3.86
C LYS A 238 14.99 -23.55 -3.63
N ILE A 239 15.01 -22.24 -3.73
CA ILE A 239 13.82 -21.44 -3.55
C ILE A 239 12.83 -21.77 -4.68
N SER A 240 13.31 -22.16 -5.83
CA SER A 240 12.40 -22.63 -6.85
C SER A 240 11.65 -23.89 -6.42
N ILE A 241 12.34 -24.88 -5.85
CA ILE A 241 11.65 -26.12 -5.42
C ILE A 241 10.73 -25.80 -4.25
N ASP A 242 11.16 -24.91 -3.37
CA ASP A 242 10.36 -24.52 -2.24
C ASP A 242 9.08 -23.80 -2.68
N SER A 243 9.16 -23.05 -3.77
CA SER A 243 8.00 -22.37 -4.31
C SER A 243 6.97 -23.34 -4.82
N ALA A 244 7.45 -24.37 -5.52
CA ALA A 244 6.61 -25.47 -6.05
C ALA A 244 5.86 -26.25 -4.99
N THR A 245 6.49 -26.44 -3.82
CA THR A 245 5.89 -27.21 -2.70
C THR A 245 5.19 -26.29 -1.69
N MET A 246 5.50 -25.01 -1.78
CA MET A 246 4.97 -24.01 -0.89
C MET A 246 5.66 -23.97 0.46
N MET A 247 6.71 -24.74 0.63
CA MET A 247 7.58 -24.56 1.77
C MET A 247 8.12 -23.12 1.84
N ASN A 248 8.29 -22.46 0.68
CA ASN A 248 8.82 -21.11 0.68
C ASN A 248 7.97 -20.16 1.54
N LYS A 249 6.65 -20.30 1.41
CA LYS A 249 5.73 -19.47 2.22
C LYS A 249 5.81 -19.84 3.70
N GLY A 250 5.92 -21.14 3.96
CA GLY A 250 6.21 -21.62 5.29
C GLY A 250 7.40 -20.95 5.94
N LEU A 251 8.51 -20.94 5.25
CA LEU A 251 9.72 -20.27 5.77
C LEU A 251 9.50 -18.76 5.89
N GLU A 252 8.76 -18.21 4.92
CA GLU A 252 8.41 -16.80 4.95
C GLU A 252 7.52 -16.49 6.15
N LEU A 253 6.62 -17.42 6.49
CA LEU A 253 5.80 -17.27 7.71
C LEU A 253 6.65 -17.07 8.97
N ILE A 254 7.69 -17.89 9.13
CA ILE A 254 8.52 -17.80 10.32
C ILE A 254 9.39 -16.56 10.28
N GLU A 255 9.93 -16.27 9.11
CA GLU A 255 10.73 -15.07 8.89
C GLU A 255 9.94 -13.81 9.30
N ALA A 256 8.69 -13.72 8.85
CA ALA A 256 7.83 -12.58 9.20
C ALA A 256 7.61 -12.50 10.70
N CYS A 257 7.34 -13.66 11.35
CA CYS A 257 7.20 -13.73 12.81
C CYS A 257 8.33 -13.02 13.54
N HIS A 258 9.57 -13.33 13.20
CA HIS A 258 10.71 -12.71 13.90
C HIS A 258 10.97 -11.29 13.45
N LEU A 259 10.83 -11.04 12.15
CA LEU A 259 11.08 -9.71 11.61
C LEU A 259 10.15 -8.64 12.18
N PHE A 260 8.87 -8.97 12.27
CA PHE A 260 7.89 -7.99 12.72
C PHE A 260 7.32 -8.33 14.08
N ASP A 261 7.96 -9.28 14.77
CA ASP A 261 7.69 -9.56 16.18
C ASP A 261 6.25 -10.01 16.41
N LEU A 262 5.79 -10.97 15.62
CA LEU A 262 4.42 -11.49 15.78
C LEU A 262 4.42 -13.00 15.94
N LYS A 263 3.26 -13.55 16.26
CA LYS A 263 3.09 -15.00 16.26
C LYS A 263 2.32 -15.40 15.03
N GLU A 264 2.40 -16.67 14.68
CA GLU A 264 1.83 -17.15 13.43
C GLU A 264 0.36 -16.85 13.23
N HIS A 265 -0.40 -16.77 14.31
CA HIS A 265 -1.84 -16.51 14.20
C HIS A 265 -2.13 -15.15 13.58
N GLN A 266 -1.26 -14.17 13.83
CA GLN A 266 -1.36 -12.86 13.20
C GLN A 266 -0.87 -12.76 11.74
N ILE A 267 -0.54 -13.88 11.09
CA ILE A 267 0.07 -13.84 9.75
C ILE A 267 -0.57 -14.91 8.90
N GLN A 268 -1.27 -14.52 7.84
CA GLN A 268 -2.06 -15.44 7.08
C GLN A 268 -1.63 -15.46 5.64
N VAL A 269 -2.11 -16.44 4.89
CA VAL A 269 -1.61 -16.66 3.55
C VAL A 269 -2.71 -16.77 2.49
N VAL A 270 -2.50 -16.05 1.40
CA VAL A 270 -3.42 -16.02 0.29
C VAL A 270 -2.65 -16.41 -0.98
N ILE A 271 -3.24 -17.29 -1.78
CA ILE A 271 -2.74 -17.62 -3.10
C ILE A 271 -3.05 -16.50 -4.09
N HIS A 272 -2.06 -16.13 -4.90
CA HIS A 272 -2.19 -15.04 -5.86
C HIS A 272 -1.25 -15.33 -7.01
N PRO A 273 -1.75 -15.99 -8.06
CA PRO A 273 -0.84 -16.52 -9.10
C PRO A 273 -0.13 -15.49 -9.96
N ASN A 274 -0.65 -14.26 -10.02
CA ASN A 274 -0.12 -13.22 -10.91
C ASN A 274 1.21 -12.67 -10.39
N SER A 275 1.48 -12.83 -9.10
CA SER A 275 2.71 -12.31 -8.49
C SER A 275 2.89 -10.80 -8.70
N VAL A 276 1.77 -10.08 -8.75
CA VAL A 276 1.75 -8.62 -8.81
C VAL A 276 1.64 -7.96 -7.40
N VAL A 277 0.59 -8.30 -6.66
CA VAL A 277 0.50 -7.95 -5.25
C VAL A 277 1.46 -8.85 -4.50
N HIS A 278 2.35 -8.23 -3.73
CA HIS A 278 3.44 -8.94 -3.10
C HIS A 278 3.30 -9.13 -1.59
N SER A 279 2.26 -8.53 -1.02
CA SER A 279 1.77 -8.82 0.34
C SER A 279 0.99 -7.61 0.87
N LEU A 280 0.27 -7.80 1.98
CA LEU A 280 -0.55 -6.73 2.56
C LEU A 280 -0.44 -6.64 4.09
N VAL A 281 -0.71 -5.47 4.62
CA VAL A 281 -0.90 -5.25 6.04
C VAL A 281 -2.31 -4.73 6.26
N GLU A 282 -3.09 -5.47 7.06
CA GLU A 282 -4.47 -5.09 7.38
C GLU A 282 -4.53 -4.33 8.69
N TYR A 283 -5.24 -3.20 8.68
CA TYR A 283 -5.36 -2.30 9.81
C TYR A 283 -6.74 -2.38 10.37
N VAL A 284 -6.94 -1.79 11.56
CA VAL A 284 -8.22 -1.95 12.28
C VAL A 284 -9.38 -1.22 11.68
N ASP A 285 -9.11 -0.17 10.88
CA ASP A 285 -10.17 0.55 10.20
C ASP A 285 -10.67 -0.10 8.92
N GLY A 286 -10.02 -1.16 8.49
CA GLY A 286 -10.41 -1.87 7.26
C GLY A 286 -9.50 -1.55 6.07
N SER A 287 -8.47 -0.74 6.28
CA SER A 287 -7.49 -0.41 5.25
C SER A 287 -6.52 -1.58 5.10
N PHE A 288 -6.37 -2.08 3.88
CA PHE A 288 -5.27 -3.01 3.55
C PHE A 288 -4.22 -2.24 2.75
N LEU A 289 -3.05 -1.99 3.33
CA LEU A 289 -1.98 -1.40 2.58
C LEU A 289 -1.14 -2.50 1.94
N ALA A 290 -0.92 -2.39 0.64
CA ALA A 290 -0.22 -3.41 -0.11
C ALA A 290 0.81 -2.81 -1.05
N GLN A 291 1.82 -3.60 -1.41
CA GLN A 291 2.83 -3.25 -2.40
C GLN A 291 2.57 -4.07 -3.63
N LEU A 292 2.47 -3.38 -4.77
CA LEU A 292 2.26 -4.03 -6.06
C LEU A 292 3.46 -3.71 -6.91
N GLY A 293 3.74 -4.55 -7.89
CA GLY A 293 4.95 -4.38 -8.70
C GLY A 293 5.10 -5.53 -9.63
N THR A 294 5.90 -5.39 -10.69
CA THR A 294 6.21 -6.55 -11.54
C THR A 294 7.14 -7.37 -10.69
N PRO A 295 7.03 -8.68 -10.76
CA PRO A 295 7.84 -9.55 -9.91
C PRO A 295 9.32 -9.55 -10.34
N ASP A 296 10.16 -8.80 -9.63
CA ASP A 296 11.54 -8.61 -10.00
C ASP A 296 12.25 -8.14 -8.76
N MET A 297 13.23 -8.91 -8.28
CA MET A 297 13.84 -8.61 -7.00
C MET A 297 14.65 -7.33 -6.98
N LYS A 298 14.82 -6.67 -8.11
CA LYS A 298 15.52 -5.42 -8.08
C LYS A 298 14.76 -4.31 -7.35
N THR A 299 13.43 -4.40 -7.33
CA THR A 299 12.56 -3.45 -6.61
C THR A 299 12.81 -3.49 -5.09
N PRO A 300 12.65 -4.68 -4.45
CA PRO A 300 12.94 -4.77 -3.01
C PRO A 300 14.41 -4.50 -2.65
N ILE A 301 15.32 -5.04 -3.45
CA ILE A 301 16.73 -4.76 -3.22
C ILE A 301 17.02 -3.27 -3.29
N ALA A 302 16.51 -2.61 -4.33
CA ALA A 302 16.73 -1.16 -4.51
C ALA A 302 16.16 -0.32 -3.36
N HIS A 303 14.96 -0.71 -2.91
CA HIS A 303 14.32 -0.07 -1.78
C HIS A 303 15.14 -0.19 -0.50
N ALA A 304 15.70 -1.37 -0.27
CA ALA A 304 16.50 -1.60 0.95
C ALA A 304 17.84 -0.91 0.89
N LEU A 305 18.46 -0.84 -0.30
CA LEU A 305 19.79 -0.25 -0.44
C LEU A 305 19.80 1.24 -0.17
N ALA A 306 18.78 1.90 -0.70
CA ALA A 306 18.68 3.35 -0.65
C ALA A 306 18.01 3.86 0.60
N TYR A 307 17.35 2.99 1.34
CA TYR A 307 16.51 3.42 2.50
C TYR A 307 17.33 4.38 3.40
N PRO A 308 16.73 5.46 3.89
CA PRO A 308 15.33 5.82 3.72
C PRO A 308 14.97 6.42 2.35
N GLU A 309 15.95 6.72 1.52
CA GLU A 309 15.68 7.27 0.19
C GLU A 309 15.16 6.19 -0.76
N ARG A 310 14.85 6.60 -1.98
CA ARG A 310 14.53 5.69 -3.08
C ARG A 310 15.34 6.03 -4.32
N ILE A 311 15.44 5.07 -5.22
CA ILE A 311 16.29 5.16 -6.40
C ILE A 311 15.73 4.30 -7.51
N LYS A 312 16.02 4.67 -8.75
CA LYS A 312 15.64 3.84 -9.89
C LYS A 312 16.26 2.46 -9.71
N SER A 313 15.53 1.43 -10.13
CA SER A 313 15.96 0.04 -9.96
C SER A 313 16.26 -0.68 -11.28
N GLY A 314 15.89 -0.09 -12.42
CA GLY A 314 16.03 -0.79 -13.69
C GLY A 314 15.00 -1.91 -13.96
N VAL A 315 13.92 -1.96 -13.21
CA VAL A 315 12.81 -2.83 -13.61
C VAL A 315 11.92 -2.17 -14.67
N MET A 316 11.27 -3.00 -15.48
CA MET A 316 10.19 -2.57 -16.35
C MET A 316 8.94 -2.42 -15.47
N PRO A 317 8.52 -1.18 -15.21
CA PRO A 317 7.45 -1.02 -14.22
C PRO A 317 6.13 -1.64 -14.66
N LEU A 318 5.29 -1.99 -13.69
CA LEU A 318 3.98 -2.57 -13.95
C LEU A 318 3.10 -1.64 -14.81
N ASP A 319 2.53 -2.22 -15.86
CA ASP A 319 1.56 -1.55 -16.71
C ASP A 319 0.17 -1.98 -16.20
N LEU A 320 -0.51 -1.09 -15.48
CA LEU A 320 -1.85 -1.37 -14.96
C LEU A 320 -2.90 -1.54 -16.06
N TYR A 321 -2.73 -0.86 -17.19
CA TYR A 321 -3.66 -1.05 -18.29
C TYR A 321 -3.67 -2.47 -18.90
N GLN A 322 -2.58 -3.23 -18.73
CA GLN A 322 -2.44 -4.54 -19.37
C GLN A 322 -2.47 -5.72 -18.39
N LEU A 323 -3.15 -5.57 -17.25
CA LEU A 323 -3.12 -6.57 -16.19
C LEU A 323 -4.16 -7.66 -16.41
N GLY A 324 -5.41 -7.23 -16.55
CA GLY A 324 -6.51 -8.15 -16.71
C GLY A 324 -7.15 -8.48 -15.38
N SER A 325 -6.91 -9.70 -14.90
CA SER A 325 -7.55 -10.17 -13.70
C SER A 325 -6.48 -10.59 -12.74
N LEU A 326 -6.47 -9.97 -11.57
CA LEU A 326 -5.61 -10.41 -10.50
C LEU A 326 -6.43 -11.41 -9.67
N LYS A 327 -5.97 -12.66 -9.61
CA LYS A 327 -6.70 -13.71 -8.91
C LYS A 327 -6.26 -13.89 -7.48
N PHE A 328 -7.21 -14.23 -6.62
CA PHE A 328 -6.97 -14.56 -5.24
C PHE A 328 -7.80 -15.76 -4.84
N LEU A 329 -7.28 -16.53 -3.88
CA LEU A 329 -7.75 -17.89 -3.65
C LEU A 329 -7.23 -18.37 -2.29
N ALA A 330 -7.98 -19.26 -1.65
CA ALA A 330 -7.54 -19.88 -0.40
C ALA A 330 -6.50 -20.96 -0.68
N PRO A 331 -5.51 -21.07 0.23
CA PRO A 331 -4.54 -22.15 0.05
C PRO A 331 -5.18 -23.52 0.25
N ASP A 332 -4.93 -24.44 -0.69
CA ASP A 332 -5.32 -25.85 -0.58
C ASP A 332 -4.26 -26.59 0.25
N LEU A 333 -4.56 -26.85 1.53
CA LEU A 333 -3.55 -27.30 2.47
C LEU A 333 -3.35 -28.82 2.47
N ASP A 334 -4.25 -29.56 1.85
CA ASP A 334 -3.99 -30.96 1.64
C ASP A 334 -2.87 -30.97 0.62
N LYS A 335 -3.06 -30.23 -0.48
CA LYS A 335 -2.12 -30.24 -1.60
C LYS A 335 -0.74 -29.62 -1.24
N PHE A 336 -0.69 -28.64 -0.34
CA PHE A 336 0.55 -27.94 0.01
C PHE A 336 0.80 -28.09 1.50
N ALA A 337 1.04 -29.33 1.88
CA ALA A 337 1.21 -29.72 3.26
C ALA A 337 2.42 -29.06 3.93
N CYS A 338 3.44 -28.74 3.15
CA CYS A 338 4.60 -28.00 3.66
C CYS A 338 4.16 -26.75 4.40
N LEU A 339 3.13 -26.08 3.89
CA LEU A 339 2.64 -24.86 4.54
C LEU A 339 1.95 -25.16 5.87
N LYS A 340 1.09 -26.18 5.89
CA LYS A 340 0.58 -26.77 7.17
C LYS A 340 1.73 -27.00 8.17
N LEU A 341 2.77 -27.71 7.72
CA LEU A 341 3.85 -28.19 8.62
C LEU A 341 4.66 -27.03 9.13
N ALA A 342 4.78 -26.01 8.31
CA ALA A 342 5.53 -24.83 8.64
C ALA A 342 4.88 -24.05 9.73
N ARG A 343 3.55 -23.97 9.66
CA ARG A 343 2.78 -23.24 10.67
C ARG A 343 2.81 -24.02 11.98
N TYR A 344 2.58 -25.33 11.88
CA TYR A 344 2.76 -26.27 13.00
C TYR A 344 4.11 -26.04 13.67
N ALA A 345 5.19 -26.04 12.89
CA ALA A 345 6.53 -25.77 13.45
C ALA A 345 6.66 -24.37 14.05
N ALA A 346 6.02 -23.38 13.42
CA ALA A 346 6.10 -22.02 13.93
C ALA A 346 5.49 -21.94 15.29
N ARG A 347 4.41 -22.69 15.51
CA ARG A 347 3.75 -22.73 16.81
C ARG A 347 4.63 -23.39 17.88
N LEU A 348 5.41 -24.40 17.49
CA LEU A 348 6.27 -25.17 18.44
C LEU A 348 7.56 -24.47 18.80
N GLY A 349 7.98 -23.49 18.00
CA GLY A 349 9.18 -22.69 18.34
C GLY A 349 10.41 -23.12 17.58
N THR A 350 11.56 -22.59 17.98
CA THR A 350 12.78 -22.69 17.16
C THR A 350 13.32 -24.10 16.86
N GLY A 351 13.35 -24.99 17.86
CA GLY A 351 13.75 -26.38 17.64
C GLY A 351 13.03 -27.04 16.49
N ALA A 352 11.73 -26.85 16.44
CA ALA A 352 10.93 -27.44 15.39
C ALA A 352 11.10 -26.72 14.05
N CYS A 353 11.50 -25.45 14.13
CA CYS A 353 11.78 -24.65 12.93
C CYS A 353 13.08 -25.03 12.28
N ILE A 354 14.04 -25.45 13.11
CA ILE A 354 15.28 -26.02 12.64
C ILE A 354 15.00 -27.36 11.98
N ALA A 355 14.17 -28.17 12.60
CA ALA A 355 13.84 -29.47 12.06
C ALA A 355 13.14 -29.32 10.75
N LEU A 356 12.21 -28.37 10.70
CA LEU A 356 11.52 -28.03 9.46
C LEU A 356 12.51 -27.70 8.35
N ASN A 357 13.35 -26.72 8.64
CA ASN A 357 14.24 -26.16 7.62
C ASN A 357 15.30 -27.11 7.11
N THR A 358 16.01 -27.74 8.04
CA THR A 358 17.07 -28.65 7.70
C THR A 358 16.52 -29.89 7.02
N ALA A 359 15.47 -30.48 7.55
CA ALA A 359 14.90 -31.63 6.86
C ALA A 359 14.56 -31.20 5.44
N ASN A 360 14.05 -29.98 5.29
CA ASN A 360 13.69 -29.47 3.97
C ASN A 360 14.89 -29.35 3.03
N GLU A 361 16.00 -28.82 3.54
CA GLU A 361 17.24 -28.75 2.77
C GLU A 361 17.63 -30.11 2.22
N ILE A 362 17.62 -31.12 3.10
CA ILE A 362 18.05 -32.48 2.75
C ILE A 362 17.06 -33.08 1.76
N ALA A 363 15.77 -32.96 1.99
CA ALA A 363 14.81 -33.51 1.02
C ALA A 363 14.90 -32.81 -0.36
N VAL A 364 15.15 -31.50 -0.37
CA VAL A 364 15.22 -30.80 -1.66
C VAL A 364 16.44 -31.29 -2.43
N GLU A 365 17.59 -31.42 -1.74
CA GLU A 365 18.79 -32.02 -2.35
C GLU A 365 18.48 -33.39 -2.96
N ALA A 366 17.71 -34.19 -2.24
CA ALA A 366 17.31 -35.48 -2.72
C ALA A 366 16.41 -35.40 -3.96
N PHE A 367 15.46 -34.46 -3.96
CA PHE A 367 14.60 -34.26 -5.15
C PHE A 367 15.39 -33.87 -6.40
N LEU A 368 16.28 -32.90 -6.23
CA LEU A 368 17.15 -32.44 -7.31
C LEU A 368 18.10 -33.53 -7.77
N ALA A 369 18.51 -34.41 -6.87
CA ALA A 369 19.42 -35.49 -7.23
C ALA A 369 18.66 -36.69 -7.80
N GLU A 370 17.38 -36.53 -8.10
CA GLU A 370 16.57 -37.55 -8.75
C GLU A 370 16.44 -38.81 -7.90
N LYS A 371 16.34 -38.60 -6.59
CA LYS A 371 16.23 -39.68 -5.60
C LYS A 371 14.82 -39.83 -5.00
N ILE A 372 14.12 -38.73 -4.77
CA ILE A 372 12.70 -38.79 -4.35
C ILE A 372 11.78 -38.09 -5.31
N CYS A 373 10.48 -38.37 -5.16
CA CYS A 373 9.42 -37.64 -5.82
C CYS A 373 9.16 -36.28 -5.16
N LEU A 374 8.74 -35.30 -5.94
CA LEU A 374 8.45 -33.95 -5.41
C LEU A 374 7.55 -33.98 -4.18
N THR A 375 6.53 -34.82 -4.24
CA THR A 375 5.59 -34.95 -3.15
C THR A 375 6.15 -35.64 -1.92
N ASP A 376 7.31 -36.28 -2.01
CA ASP A 376 7.89 -36.90 -0.83
C ASP A 376 8.52 -35.89 0.07
N ILE A 377 8.81 -34.69 -0.41
CA ILE A 377 9.43 -33.67 0.43
C ILE A 377 8.58 -33.42 1.69
N ALA A 378 7.26 -33.36 1.53
CA ALA A 378 6.35 -33.18 2.68
C ALA A 378 6.38 -34.37 3.65
N VAL A 379 6.35 -35.59 3.11
CA VAL A 379 6.47 -36.79 3.93
C VAL A 379 7.72 -36.73 4.82
N ILE A 380 8.88 -36.54 4.20
CA ILE A 380 10.16 -36.51 4.92
C ILE A 380 10.11 -35.52 6.04
N VAL A 381 9.62 -34.32 5.74
CA VAL A 381 9.59 -33.20 6.70
C VAL A 381 8.63 -33.47 7.88
N LYS A 382 7.48 -34.08 7.63
CA LYS A 382 6.62 -34.48 8.72
C LYS A 382 7.37 -35.44 9.62
N ALA A 383 7.82 -36.54 9.01
CA ALA A 383 8.47 -37.61 9.78
C ALA A 383 9.57 -37.08 10.67
N CYS A 384 10.38 -36.15 10.15
CA CYS A 384 11.40 -35.52 10.99
C CYS A 384 10.80 -34.63 12.07
N LEU A 385 9.70 -33.92 11.79
CA LEU A 385 9.05 -33.08 12.83
C LEU A 385 8.47 -33.95 13.94
N ASP A 386 7.88 -35.08 13.55
CA ASP A 386 7.30 -36.03 14.47
C ASP A 386 8.29 -37.08 15.03
N ASP A 387 9.59 -36.91 14.79
CA ASP A 387 10.60 -37.87 15.26
C ASP A 387 10.95 -37.63 16.73
N LYS A 388 10.90 -38.71 17.53
CA LYS A 388 11.12 -38.62 18.99
C LYS A 388 12.51 -38.13 19.32
N THR A 389 13.47 -38.60 18.54
CA THR A 389 14.88 -38.24 18.76
C THR A 389 15.07 -36.75 18.50
N ILE A 390 14.39 -36.22 17.49
CA ILE A 390 14.46 -34.79 17.23
C ILE A 390 13.65 -34.00 18.26
N ALA A 391 12.40 -34.40 18.45
CA ALA A 391 11.54 -33.75 19.47
C ALA A 391 12.26 -33.48 20.80
N GLN A 392 13.15 -34.35 21.22
CA GLN A 392 13.80 -34.16 22.51
C GLN A 392 14.54 -32.84 22.60
N ASP A 393 14.89 -32.26 21.45
CA ASP A 393 15.67 -31.02 21.44
C ASP A 393 14.80 -29.76 21.34
N TYR A 394 13.49 -29.95 21.09
CA TYR A 394 12.55 -28.84 20.92
C TYR A 394 12.42 -27.88 22.11
N SER A 395 13.10 -28.15 23.24
CA SER A 395 12.92 -27.32 24.42
C SER A 395 14.19 -26.64 24.91
N GLN A 396 15.24 -26.62 24.10
CA GLN A 396 16.46 -25.94 24.51
C GLN A 396 16.33 -24.45 24.32
N ASP A 397 17.30 -23.73 24.89
CA ASP A 397 17.39 -22.31 24.72
C ASP A 397 18.30 -22.06 23.50
N PHE A 398 17.68 -22.11 22.31
CA PHE A 398 18.35 -21.76 21.07
C PHE A 398 18.55 -20.24 20.96
N GLY A 399 18.02 -19.49 21.94
CA GLY A 399 18.12 -18.03 21.95
C GLY A 399 19.17 -17.50 22.90
N ASP A 400 19.97 -18.38 23.46
CA ASP A 400 20.99 -17.97 24.43
C ASP A 400 22.19 -17.30 23.75
N GLU A 401 22.56 -16.12 24.21
CA GLU A 401 23.55 -15.29 23.52
C GLU A 401 24.98 -15.82 23.59
N VAL A 402 25.21 -16.86 24.39
CA VAL A 402 26.56 -17.40 24.56
C VAL A 402 26.64 -18.83 24.10
N LEU A 403 25.59 -19.61 24.33
CA LEU A 403 25.56 -21.03 23.95
C LEU A 403 24.53 -21.37 22.88
N GLY A 404 23.74 -20.38 22.45
CA GLY A 404 22.67 -20.64 21.49
C GLY A 404 23.13 -21.14 20.12
N LEU A 405 24.22 -20.54 19.60
CA LEU A 405 24.67 -20.92 18.27
C LEU A 405 25.02 -22.39 18.23
N GLU A 406 25.89 -22.79 19.16
CA GLU A 406 26.38 -24.18 19.24
C GLU A 406 25.24 -25.17 19.24
N ARG A 407 24.16 -24.81 19.91
CA ARG A 407 23.01 -25.67 20.07
C ARG A 407 22.17 -25.78 18.78
N ILE A 408 22.14 -24.70 18.00
CA ILE A 408 21.46 -24.70 16.68
C ILE A 408 22.25 -25.55 15.66
N LEU A 409 23.57 -25.33 15.60
CA LEU A 409 24.45 -26.07 14.67
C LEU A 409 24.47 -27.57 14.99
N THR A 410 24.42 -27.90 16.27
CA THR A 410 24.39 -29.31 16.69
C THR A 410 23.09 -29.93 16.22
N MET A 411 21.99 -29.21 16.45
CA MET A 411 20.66 -29.73 16.15
C MET A 411 20.49 -29.90 14.67
N ASP A 412 21.04 -28.97 13.92
CA ASP A 412 21.16 -29.09 12.46
C ASP A 412 21.82 -30.39 12.00
N LYS A 413 23.00 -30.71 12.56
CA LYS A 413 23.71 -31.96 12.19
C LYS A 413 22.85 -33.19 12.41
N LYS A 414 22.16 -33.19 13.56
CA LYS A 414 21.26 -34.31 13.88
C LYS A 414 20.15 -34.47 12.88
N VAL A 415 19.53 -33.37 12.49
CA VAL A 415 18.44 -33.43 11.53
C VAL A 415 18.91 -33.94 10.15
N ARG A 416 20.10 -33.47 9.73
CA ARG A 416 20.66 -33.94 8.45
C ARG A 416 20.79 -35.46 8.45
N LYS A 417 21.44 -36.00 9.50
CA LYS A 417 21.54 -37.46 9.73
C LYS A 417 20.18 -38.20 9.63
N ILE A 418 19.18 -37.72 10.38
CA ILE A 418 17.86 -38.41 10.45
C ILE A 418 17.03 -38.26 9.17
N ALA A 419 17.01 -37.06 8.59
CA ALA A 419 16.30 -36.85 7.33
C ALA A 419 16.83 -37.76 6.23
N THR A 420 18.15 -37.85 6.13
CA THR A 420 18.80 -38.81 5.24
C THR A 420 18.31 -40.25 5.49
N ALA A 421 18.35 -40.68 6.75
CA ALA A 421 17.87 -42.02 7.09
C ALA A 421 16.42 -42.19 6.69
N LYS A 422 15.60 -41.19 7.03
CA LYS A 422 14.19 -41.16 6.68
C LYS A 422 14.00 -41.40 5.20
N ILE A 423 14.83 -40.76 4.36
CA ILE A 423 14.72 -40.95 2.88
C ILE A 423 15.00 -42.39 2.48
N LYS A 424 16.12 -42.93 2.94
CA LYS A 424 16.46 -44.37 2.75
C LYS A 424 15.28 -45.28 3.14
N LEU A 425 14.76 -45.07 4.36
CA LEU A 425 13.61 -45.86 4.84
C LEU A 425 12.40 -45.78 3.91
N LEU A 426 12.04 -44.55 3.50
CA LEU A 426 10.87 -44.29 2.65
C LEU A 426 10.98 -45.01 1.31
N LYS A 427 12.16 -45.00 0.69
CA LYS A 427 12.34 -45.71 -0.59
C LYS A 427 12.14 -47.24 -0.50
N GLN A 428 11.96 -47.79 0.71
CA GLN A 428 11.61 -49.21 0.92
C GLN A 428 10.28 -49.37 1.71
N GLY A 429 10.20 -48.83 2.93
CA GLY A 429 8.99 -48.93 3.77
C GLY A 429 9.26 -48.66 5.26
N ASP A 430 8.31 -48.02 5.95
CA ASP A 430 8.35 -47.82 7.43
C ASP A 430 7.00 -48.17 8.08
N LEU B 23 -11.22 16.26 25.05
CA LEU B 23 -11.89 15.54 23.92
C LEU B 23 -11.85 16.37 22.67
N GLN B 24 -11.38 15.80 21.58
CA GLN B 24 -11.36 16.51 20.33
C GLN B 24 -12.76 16.98 19.95
N SER B 25 -12.89 18.27 19.76
CA SER B 25 -14.17 18.91 19.50
C SER B 25 -14.48 18.84 18.02
N LEU B 26 -15.70 18.51 17.64
CA LEU B 26 -16.04 18.27 16.25
C LEU B 26 -17.17 19.12 15.76
N ALA B 27 -17.04 19.64 14.53
CA ALA B 27 -18.13 20.32 13.82
C ALA B 27 -18.33 19.63 12.51
N ILE B 28 -19.55 19.14 12.26
CA ILE B 28 -19.85 18.39 11.05
C ILE B 28 -20.78 19.13 10.09
N LEU B 29 -20.22 19.52 8.96
CA LEU B 29 -20.93 20.29 7.96
C LEU B 29 -21.44 19.34 6.91
N GLY B 30 -22.74 19.23 6.79
CA GLY B 30 -23.36 18.29 5.87
C GLY B 30 -23.69 17.05 6.63
N ALA B 31 -24.13 17.23 7.88
CA ALA B 31 -24.34 16.13 8.81
C ALA B 31 -25.52 15.25 8.44
N THR B 32 -26.43 15.76 7.63
CA THR B 32 -27.67 15.05 7.30
C THR B 32 -27.55 14.15 6.09
N GLY B 33 -26.46 14.31 5.33
CA GLY B 33 -26.22 13.54 4.11
C GLY B 33 -25.45 12.25 4.29
N SER B 34 -25.06 11.70 3.15
CA SER B 34 -24.44 10.39 3.08
C SER B 34 -23.14 10.27 3.90
N ILE B 35 -22.25 11.22 3.68
CA ILE B 35 -20.99 11.26 4.38
C ILE B 35 -21.27 11.57 5.85
N GLY B 36 -22.24 12.45 6.10
CA GLY B 36 -22.78 12.69 7.45
C GLY B 36 -23.13 11.41 8.21
N ASP B 37 -23.91 10.54 7.58
CA ASP B 37 -24.26 9.23 8.14
C ASP B 37 -23.03 8.38 8.57
N SER B 38 -22.05 8.19 7.67
CA SER B 38 -20.90 7.36 7.99
C SER B 38 -20.06 7.96 9.10
N THR B 39 -19.90 9.29 9.07
CA THR B 39 -19.14 9.96 10.12
C THR B 39 -19.81 9.69 11.46
N LEU B 40 -21.11 9.95 11.50
CA LEU B 40 -21.88 9.81 12.73
C LEU B 40 -21.88 8.38 13.25
N ALA B 41 -21.84 7.41 12.32
CA ALA B 41 -21.81 5.99 12.64
C ALA B 41 -20.50 5.58 13.30
N ILE B 42 -19.43 6.28 12.96
CA ILE B 42 -18.18 6.07 13.63
C ILE B 42 -18.24 6.65 15.02
N ILE B 43 -18.79 7.86 15.13
CA ILE B 43 -18.89 8.53 16.45
C ILE B 43 -19.65 7.67 17.50
N ARG B 44 -20.72 7.00 17.06
CA ARG B 44 -21.54 6.17 17.95
C ARG B 44 -20.82 4.91 18.43
N GLN B 45 -19.77 4.51 17.72
CA GLN B 45 -18.93 3.44 18.15
C GLN B 45 -17.85 3.93 19.08
N HIS B 46 -17.62 5.26 19.11
CA HIS B 46 -16.55 5.85 19.94
C HIS B 46 -17.06 7.03 20.74
N PRO B 47 -18.01 6.79 21.67
CA PRO B 47 -18.49 7.85 22.51
C PRO B 47 -17.42 8.11 23.57
N ASN B 48 -17.23 9.37 23.96
CA ASN B 48 -16.20 9.72 24.97
C ASN B 48 -14.81 9.67 24.38
N ARG B 49 -14.76 9.75 23.06
CA ARG B 49 -13.52 10.07 22.36
C ARG B 49 -13.64 11.45 21.68
N TYR B 50 -14.81 11.74 21.10
CA TYR B 50 -15.12 13.01 20.45
C TYR B 50 -16.30 13.71 21.11
N ARG B 51 -16.29 15.04 21.13
CA ARG B 51 -17.41 15.86 21.53
C ARG B 51 -18.07 16.41 20.27
N ILE B 52 -19.38 16.33 20.14
CA ILE B 52 -20.06 16.99 19.02
C ILE B 52 -20.41 18.40 19.40
N HIS B 53 -19.76 19.38 18.75
CA HIS B 53 -19.98 20.78 19.02
C HIS B 53 -21.05 21.35 18.11
N ALA B 54 -21.04 20.97 16.84
CA ALA B 54 -22.01 21.50 15.90
C ALA B 54 -22.37 20.52 14.81
N LEU B 55 -23.58 20.64 14.29
CA LEU B 55 -24.04 19.81 13.19
C LEU B 55 -24.85 20.67 12.24
N THR B 56 -24.67 20.53 10.93
CA THR B 56 -25.44 21.34 9.98
C THR B 56 -26.18 20.49 8.98
N GLY B 57 -27.31 21.00 8.53
CA GLY B 57 -28.08 20.42 7.45
C GLY B 57 -28.71 21.57 6.69
N PHE B 58 -29.42 21.28 5.61
CA PHE B 58 -30.03 22.30 4.78
C PHE B 58 -31.54 22.08 4.75
N SER B 59 -32.01 21.10 3.97
CA SER B 59 -33.40 20.90 3.78
C SER B 59 -34.03 19.85 4.76
N ARG B 60 -33.23 18.96 5.31
CA ARG B 60 -33.76 17.88 6.18
C ARG B 60 -33.80 18.30 7.63
N VAL B 61 -34.80 19.14 7.92
CA VAL B 61 -34.98 19.76 9.23
C VAL B 61 -35.21 18.72 10.32
N ASP B 62 -36.08 17.78 10.03
CA ASP B 62 -36.49 16.78 11.01
C ASP B 62 -35.31 15.88 11.37
N LYS B 63 -34.60 15.41 10.35
CA LYS B 63 -33.38 14.66 10.57
C LYS B 63 -32.41 15.48 11.40
N LEU B 64 -32.19 16.73 11.04
CA LEU B 64 -31.29 17.58 11.85
C LEU B 64 -31.70 17.69 13.31
N LEU B 65 -33.01 17.87 13.53
CA LEU B 65 -33.57 17.88 14.88
C LEU B 65 -33.30 16.59 15.60
N ALA B 66 -33.64 15.47 14.95
CA ALA B 66 -33.37 14.14 15.52
C ALA B 66 -31.89 14.02 15.92
N LEU B 67 -31.00 14.53 15.07
CA LEU B 67 -29.59 14.47 15.38
C LEU B 67 -29.24 15.35 16.57
N ALA B 68 -29.90 16.49 16.67
CA ALA B 68 -29.65 17.42 17.79
C ALA B 68 -30.08 16.84 19.13
N MET B 69 -31.20 16.14 19.15
CA MET B 69 -31.68 15.50 20.37
C MET B 69 -30.75 14.39 20.84
N GLU B 70 -30.22 13.64 19.86
CA GLU B 70 -29.29 12.55 20.15
C GLU B 70 -27.97 13.01 20.69
N PHE B 71 -27.35 13.98 20.03
CA PHE B 71 -25.97 14.36 20.40
C PHE B 71 -25.88 15.59 21.28
N HIS B 72 -26.96 16.38 21.40
N HIS B 72 -26.95 16.41 21.34
CA HIS B 72 -26.99 17.64 22.17
CA HIS B 72 -26.98 17.64 22.16
C HIS B 72 -25.83 18.59 21.82
C HIS B 72 -25.84 18.61 21.82
N PRO B 73 -25.74 19.03 20.55
CA PRO B 73 -24.63 19.89 20.11
C PRO B 73 -24.80 21.30 20.61
N VAL B 74 -23.71 22.06 20.72
CA VAL B 74 -23.79 23.47 21.13
C VAL B 74 -24.44 24.35 20.05
N LYS B 75 -24.19 24.08 18.78
CA LYS B 75 -24.76 24.85 17.70
C LYS B 75 -25.23 23.97 16.56
N ILE B 76 -26.26 24.42 15.87
CA ILE B 76 -26.62 23.79 14.61
C ILE B 76 -27.02 24.89 13.64
N CYS B 77 -26.97 24.59 12.35
CA CYS B 77 -27.22 25.54 11.30
C CYS B 77 -28.05 24.84 10.29
N THR B 78 -29.06 25.53 9.78
CA THR B 78 -29.94 24.99 8.77
C THR B 78 -30.08 26.01 7.66
N SER B 79 -30.99 25.79 6.71
CA SER B 79 -31.23 26.75 5.64
C SER B 79 -31.99 27.97 6.12
N PRO B 80 -31.83 29.12 5.43
CA PRO B 80 -32.54 30.35 5.86
C PRO B 80 -34.08 30.21 5.93
N ASP B 81 -34.67 29.46 5.00
CA ASP B 81 -36.10 29.21 4.96
C ASP B 81 -36.59 28.27 6.08
N ASN B 82 -35.69 27.52 6.71
CA ASN B 82 -36.08 26.68 7.83
C ASN B 82 -35.65 27.23 9.17
N TYR B 83 -35.03 28.39 9.19
CA TYR B 83 -34.53 28.94 10.44
C TYR B 83 -35.61 28.97 11.54
N ALA B 84 -36.69 29.70 11.24
CA ALA B 84 -37.78 29.93 12.21
C ALA B 84 -38.41 28.63 12.72
N GLN B 85 -38.84 27.80 11.79
CA GLN B 85 -39.42 26.48 12.08
C GLN B 85 -38.50 25.65 12.95
N LEU B 86 -37.24 25.54 12.59
CA LEU B 86 -36.33 24.71 13.36
C LEU B 86 -36.06 25.29 14.75
N SER B 87 -35.96 26.62 14.86
CA SER B 87 -35.81 27.25 16.17
C SER B 87 -36.99 26.95 17.11
N GLN B 88 -38.20 26.91 16.54
CA GLN B 88 -39.40 26.60 17.29
C GLN B 88 -39.35 25.14 17.82
N LYS B 89 -38.99 24.20 16.95
CA LYS B 89 -38.96 22.78 17.32
C LYS B 89 -37.86 22.47 18.33
N VAL B 90 -36.74 23.15 18.18
CA VAL B 90 -35.63 23.02 19.10
C VAL B 90 -35.98 23.50 20.49
N THR B 91 -36.73 24.58 20.62
CA THR B 91 -37.07 25.09 21.95
C THR B 91 -38.15 24.19 22.51
N ASP B 92 -39.08 23.74 21.66
CA ASP B 92 -40.15 22.79 22.09
C ASP B 92 -39.57 21.47 22.61
N ALA B 93 -38.43 21.07 22.08
CA ALA B 93 -37.74 19.91 22.58
C ALA B 93 -36.95 20.10 23.88
N GLY B 94 -36.86 21.35 24.36
CA GLY B 94 -36.07 21.66 25.56
C GLY B 94 -34.55 21.50 25.41
N LEU B 95 -34.03 21.71 24.21
CA LEU B 95 -32.58 21.65 24.00
C LEU B 95 -31.94 23.04 24.17
N ASP B 96 -30.74 23.08 24.76
CA ASP B 96 -29.94 24.31 24.91
C ASP B 96 -29.23 24.80 23.62
N THR B 97 -29.50 24.16 22.49
CA THR B 97 -28.68 24.35 21.30
C THR B 97 -29.01 25.64 20.55
N ILE B 98 -27.95 26.35 20.15
CA ILE B 98 -28.07 27.56 19.33
C ILE B 98 -28.40 27.15 17.89
N ILE B 99 -29.36 27.84 17.27
CA ILE B 99 -29.69 27.63 15.86
C ILE B 99 -29.16 28.78 14.99
N LEU B 100 -28.52 28.44 13.87
CA LEU B 100 -27.94 29.39 12.93
C LEU B 100 -28.54 29.13 11.56
N SER B 101 -28.27 29.99 10.59
CA SER B 101 -28.73 29.75 9.22
C SER B 101 -27.82 30.36 8.15
N GLY B 102 -27.91 29.82 6.95
CA GLY B 102 -27.09 30.28 5.81
C GLY B 102 -25.58 30.18 5.93
N ASP B 103 -24.91 30.75 4.95
CA ASP B 103 -23.46 30.80 4.97
C ASP B 103 -22.91 31.43 6.25
N GLU B 104 -23.62 32.45 6.69
CA GLU B 104 -23.35 33.13 7.93
C GLU B 104 -23.02 32.12 9.01
N GLY B 105 -23.90 31.16 9.20
CA GLY B 105 -23.79 30.20 10.32
C GLY B 105 -22.70 29.18 10.09
N LEU B 106 -22.61 28.73 8.85
CA LEU B 106 -21.54 27.82 8.49
C LEU B 106 -20.20 28.46 8.80
N ILE B 107 -20.03 29.73 8.43
CA ILE B 107 -18.76 30.43 8.66
C ILE B 107 -18.49 30.56 10.14
N GLU B 108 -19.50 30.93 10.91
CA GLU B 108 -19.37 30.99 12.38
C GLU B 108 -18.93 29.68 13.00
N ILE B 109 -19.55 28.59 12.55
CA ILE B 109 -19.26 27.23 13.02
C ILE B 109 -17.88 26.84 12.58
N ALA B 110 -17.59 27.00 11.29
CA ALA B 110 -16.27 26.67 10.78
C ALA B 110 -15.11 27.41 11.45
N SER B 111 -15.35 28.67 11.89
CA SER B 111 -14.31 29.49 12.56
C SER B 111 -14.48 29.57 14.06
N ASP B 112 -15.37 28.75 14.59
CA ASP B 112 -15.75 28.80 15.99
C ASP B 112 -14.56 28.46 16.86
N GLU B 113 -14.37 29.23 17.93
CA GLU B 113 -13.16 29.09 18.74
C GLU B 113 -13.12 27.78 19.50
N ALA B 114 -14.29 27.20 19.80
CA ALA B 114 -14.37 25.94 20.56
C ALA B 114 -14.38 24.65 19.72
N VAL B 115 -14.12 24.78 18.43
CA VAL B 115 -14.12 23.68 17.49
C VAL B 115 -12.69 23.26 17.13
N ASP B 116 -12.34 22.00 17.34
CA ASP B 116 -11.00 21.53 17.05
C ASP B 116 -10.92 21.08 15.59
N THR B 117 -11.93 20.34 15.14
CA THR B 117 -11.91 19.67 13.83
C THR B 117 -13.20 19.86 13.03
N VAL B 118 -13.07 20.11 11.73
CA VAL B 118 -14.22 20.37 10.89
C VAL B 118 -14.27 19.34 9.80
N VAL B 119 -15.43 18.72 9.65
CA VAL B 119 -15.66 17.72 8.67
C VAL B 119 -16.45 18.43 7.58
N ALA B 120 -15.82 18.69 6.45
CA ALA B 120 -16.43 19.44 5.36
C ALA B 120 -17.09 18.47 4.43
N ALA B 121 -18.37 18.21 4.63
CA ALA B 121 -19.10 17.24 3.81
C ALA B 121 -20.36 17.82 3.23
N ILE B 122 -20.39 19.15 3.08
CA ILE B 122 -21.41 19.78 2.21
C ILE B 122 -21.14 19.43 0.76
N VAL B 123 -22.18 19.19 -0.01
CA VAL B 123 -21.99 18.95 -1.45
C VAL B 123 -21.88 20.24 -2.27
N GLY B 124 -21.01 20.20 -3.27
CA GLY B 124 -20.97 21.22 -4.32
C GLY B 124 -20.30 22.49 -3.89
N ALA B 125 -20.39 23.51 -4.73
CA ALA B 125 -19.78 24.82 -4.43
C ALA B 125 -20.27 25.39 -3.11
N ALA B 126 -21.51 25.07 -2.74
CA ALA B 126 -22.11 25.53 -1.48
C ALA B 126 -21.21 25.34 -0.28
N GLY B 127 -20.29 24.38 -0.32
CA GLY B 127 -19.41 24.15 0.81
C GLY B 127 -18.18 25.02 0.87
N LEU B 128 -18.05 25.92 -0.10
CA LEU B 128 -16.79 26.63 -0.35
C LEU B 128 -16.41 27.65 0.71
N SER B 129 -17.35 28.51 1.09
CA SER B 129 -17.05 29.58 2.04
C SER B 129 -16.66 29.04 3.39
N SER B 130 -17.35 28.01 3.85
CA SER B 130 -17.07 27.46 5.19
C SER B 130 -15.77 26.65 5.26
N THR B 131 -15.48 25.87 4.22
CA THR B 131 -14.18 25.22 4.13
C THR B 131 -13.08 26.26 4.21
N LEU B 132 -13.23 27.33 3.41
CA LEU B 132 -12.27 28.45 3.37
C LEU B 132 -12.15 29.13 4.69
N ALA B 133 -13.26 29.25 5.41
CA ALA B 133 -13.26 29.77 6.78
C ALA B 133 -12.56 28.86 7.80
N ALA B 134 -12.73 27.55 7.68
CA ALA B 134 -12.00 26.63 8.58
C ALA B 134 -10.49 26.73 8.32
N ALA B 135 -10.12 26.85 7.04
CA ALA B 135 -8.73 27.07 6.69
C ALA B 135 -8.20 28.35 7.34
N GLY B 136 -8.98 29.43 7.22
CA GLY B 136 -8.63 30.73 7.79
C GLY B 136 -8.50 30.77 9.30
N ALA B 137 -9.16 29.82 9.97
CA ALA B 137 -9.15 29.73 11.42
C ALA B 137 -8.15 28.73 11.96
N GLY B 138 -7.40 28.09 11.08
CA GLY B 138 -6.34 27.17 11.45
C GLY B 138 -6.86 25.85 12.00
N LYS B 139 -7.96 25.36 11.44
CA LYS B 139 -8.58 24.15 11.93
C LYS B 139 -8.00 22.91 11.26
N ARG B 140 -8.12 21.77 11.94
CA ARG B 140 -7.95 20.47 11.33
C ARG B 140 -9.19 20.16 10.51
N ILE B 141 -9.03 19.91 9.22
CA ILE B 141 -10.17 19.84 8.33
C ILE B 141 -10.17 18.49 7.68
N LEU B 142 -11.32 17.80 7.70
CA LEU B 142 -11.49 16.49 7.06
C LEU B 142 -12.31 16.69 5.82
N LEU B 143 -11.65 16.73 4.67
CA LEU B 143 -12.29 17.12 3.43
C LEU B 143 -12.91 15.97 2.65
N ALA B 144 -14.23 15.97 2.62
CA ALA B 144 -14.99 15.18 1.69
C ALA B 144 -15.37 16.05 0.52
N ASN B 145 -15.66 17.31 0.81
CA ASN B 145 -16.26 18.23 -0.14
C ASN B 145 -15.29 18.62 -1.25
N LYS B 146 -15.22 17.80 -2.29
CA LYS B 146 -14.19 17.91 -3.32
C LYS B 146 -14.41 19.09 -4.28
N GLU B 147 -15.64 19.53 -4.40
CA GLU B 147 -15.93 20.67 -5.25
C GLU B 147 -15.28 21.95 -4.75
N SER B 148 -15.03 22.09 -3.45
CA SER B 148 -14.51 23.34 -2.93
C SER B 148 -13.02 23.55 -3.24
N LEU B 149 -12.33 22.47 -3.55
CA LEU B 149 -10.93 22.51 -3.96
C LEU B 149 -10.79 22.58 -5.51
N VAL B 150 -11.74 21.98 -6.22
CA VAL B 150 -11.83 22.20 -7.66
C VAL B 150 -12.07 23.69 -7.97
N MET B 151 -12.96 24.32 -7.20
CA MET B 151 -13.32 25.74 -7.32
C MET B 151 -12.24 26.71 -6.86
N ALA B 152 -11.54 26.38 -5.76
CA ALA B 152 -10.66 27.31 -5.08
C ALA B 152 -9.43 26.67 -4.43
N GLY B 153 -8.86 25.68 -5.10
CA GLY B 153 -7.68 24.97 -4.61
C GLY B 153 -6.54 25.88 -4.23
N ASP B 154 -6.12 26.77 -5.13
CA ASP B 154 -5.01 27.68 -4.81
C ASP B 154 -5.27 28.45 -3.52
N LEU B 155 -6.45 29.06 -3.42
CA LEU B 155 -6.84 29.89 -2.26
C LEU B 155 -7.01 29.09 -0.99
N VAL B 156 -7.65 27.93 -1.11
CA VAL B 156 -7.82 27.07 0.06
C VAL B 156 -6.47 26.66 0.65
N ILE B 157 -5.64 26.03 -0.17
CA ILE B 157 -4.34 25.56 0.29
C ILE B 157 -3.46 26.68 0.80
N LYS B 158 -3.36 27.77 0.03
CA LYS B 158 -2.56 28.96 0.45
C LYS B 158 -3.03 29.38 1.82
N THR B 159 -4.33 29.57 1.99
CA THR B 159 -4.91 30.03 3.26
C THR B 159 -4.65 29.08 4.44
N ALA B 160 -4.80 27.78 4.19
CA ALA B 160 -4.48 26.76 5.18
C ALA B 160 -3.04 26.87 5.65
N LYS B 161 -2.10 26.95 4.71
CA LYS B 161 -0.67 27.05 5.03
C LYS B 161 -0.35 28.34 5.77
N LYS B 162 -0.90 29.43 5.27
CA LYS B 162 -0.78 30.72 5.95
C LYS B 162 -1.20 30.63 7.42
N HIS B 163 -2.35 30.03 7.68
CA HIS B 163 -2.96 30.07 9.02
C HIS B 163 -2.81 28.80 9.84
N GLY B 164 -2.10 27.80 9.32
CA GLY B 164 -1.76 26.61 10.10
C GLY B 164 -2.87 25.57 10.21
N ALA B 165 -3.78 25.55 9.24
CA ALA B 165 -4.78 24.52 9.13
C ALA B 165 -4.19 23.24 8.51
N THR B 166 -4.75 22.11 8.90
CA THR B 166 -4.32 20.82 8.41
C THR B 166 -5.47 20.26 7.58
N ILE B 167 -5.19 19.73 6.40
CA ILE B 167 -6.19 19.06 5.62
C ILE B 167 -5.89 17.55 5.51
N LEU B 168 -6.76 16.72 6.09
CA LEU B 168 -6.77 15.27 5.85
C LEU B 168 -7.87 14.95 4.85
N PRO B 169 -7.54 14.28 3.74
CA PRO B 169 -8.57 13.90 2.79
C PRO B 169 -9.43 12.76 3.27
N ILE B 170 -10.73 12.92 3.07
CA ILE B 170 -11.76 11.90 3.36
C ILE B 170 -12.14 11.17 2.09
N ASP B 171 -12.13 11.88 0.98
CA ASP B 171 -12.34 11.25 -0.32
C ASP B 171 -11.48 9.96 -0.33
N SER B 172 -12.11 8.87 -0.75
CA SER B 172 -11.55 7.56 -0.61
C SER B 172 -10.19 7.43 -1.33
N GLU B 173 -10.14 7.93 -2.57
CA GLU B 173 -8.94 7.82 -3.39
C GLU B 173 -7.78 8.59 -2.79
N HIS B 174 -8.10 9.78 -2.31
CA HIS B 174 -7.12 10.71 -1.79
C HIS B 174 -6.67 10.26 -0.41
N ASN B 175 -7.54 9.56 0.29
CA ASN B 175 -7.18 9.02 1.56
C ASN B 175 -6.28 7.84 1.34
N ALA B 176 -6.54 7.05 0.31
CA ALA B 176 -5.65 5.92 -0.06
C ALA B 176 -4.27 6.44 -0.41
N ILE B 177 -4.22 7.37 -1.34
CA ILE B 177 -2.96 8.01 -1.70
C ILE B 177 -2.23 8.60 -0.48
N TYR B 178 -2.98 9.24 0.41
CA TYR B 178 -2.37 9.84 1.59
C TYR B 178 -1.76 8.75 2.48
N GLN B 179 -2.47 7.64 2.67
CA GLN B 179 -1.95 6.56 3.50
C GLN B 179 -0.69 5.94 2.92
N CYS B 180 -0.58 5.97 1.58
CA CYS B 180 0.50 5.35 0.86
C CYS B 180 1.68 6.29 0.58
N LEU B 181 1.69 7.45 1.23
CA LEU B 181 2.75 8.45 1.07
C LEU B 181 3.59 8.54 2.33
N PRO B 182 4.85 8.92 2.21
CA PRO B 182 5.70 8.95 3.40
C PRO B 182 5.23 9.98 4.42
N ALA B 183 5.69 9.82 5.66
CA ALA B 183 5.29 10.71 6.75
C ALA B 183 5.61 12.17 6.45
N ALA B 184 6.87 12.44 6.10
CA ALA B 184 7.30 13.80 5.76
C ALA B 184 6.34 14.50 4.77
N ILE B 185 5.85 13.76 3.76
CA ILE B 185 4.99 14.39 2.75
C ILE B 185 3.52 14.59 3.21
N GLN B 186 3.06 13.78 4.15
CA GLN B 186 1.71 13.94 4.75
C GLN B 186 1.64 15.29 5.46
N ALA B 187 2.64 15.55 6.28
CA ALA B 187 2.81 16.83 6.96
C ALA B 187 2.90 17.98 5.95
N ASP B 188 3.82 17.85 5.00
CA ASP B 188 4.13 18.97 4.09
C ASP B 188 4.10 18.49 2.64
N ASN B 189 3.03 18.81 1.95
CA ASN B 189 2.83 18.31 0.59
C ASN B 189 3.95 18.71 -0.40
N THR B 190 4.62 19.82 -0.14
CA THR B 190 5.67 20.31 -1.03
C THR B 190 6.90 19.36 -1.08
N ALA B 191 7.14 18.61 -0.01
CA ALA B 191 8.24 17.64 0.04
C ALA B 191 8.20 16.63 -1.11
N ILE B 192 7.03 16.39 -1.69
CA ILE B 192 6.87 15.48 -2.82
C ILE B 192 7.80 15.78 -3.99
N HIS B 193 8.29 17.01 -4.08
CA HIS B 193 9.20 17.42 -5.17
C HIS B 193 10.67 17.16 -4.88
N HIS B 194 10.98 16.77 -3.65
CA HIS B 194 12.30 16.28 -3.30
C HIS B 194 12.41 14.85 -3.86
N THR B 195 13.40 14.61 -4.73
CA THR B 195 13.45 13.36 -5.52
C THR B 195 13.98 12.15 -4.71
N SER B 196 14.56 12.45 -3.54
CA SER B 196 14.83 11.43 -2.51
C SER B 196 13.65 10.49 -2.26
N TYR B 197 12.46 11.06 -2.14
CA TYR B 197 11.26 10.29 -1.83
C TYR B 197 10.86 9.42 -2.99
N GLY B 198 11.26 9.81 -4.18
CA GLY B 198 11.09 8.97 -5.32
C GLY B 198 9.67 8.69 -5.71
N ILE B 199 8.80 9.69 -5.56
CA ILE B 199 7.43 9.53 -6.03
C ILE B 199 7.43 9.82 -7.49
N LYS B 200 6.83 8.93 -8.28
CA LYS B 200 6.87 9.07 -9.72
C LYS B 200 5.58 9.62 -10.28
N LYS B 201 4.46 9.00 -9.89
CA LYS B 201 3.14 9.44 -10.25
C LYS B 201 2.09 8.85 -9.32
N LEU B 202 0.91 9.46 -9.29
CA LEU B 202 -0.23 8.96 -8.53
C LEU B 202 -1.20 8.23 -9.49
N TRP B 203 -1.86 7.18 -9.03
CA TRP B 203 -2.84 6.42 -9.85
C TRP B 203 -4.22 6.42 -9.18
N LEU B 204 -5.20 7.08 -9.80
CA LEU B 204 -6.59 7.16 -9.33
C LEU B 204 -7.39 6.02 -9.93
N THR B 205 -8.04 5.25 -9.07
CA THR B 205 -8.94 4.18 -9.49
C THR B 205 -10.37 4.71 -9.64
N ALA B 206 -11.08 4.17 -10.63
CA ALA B 206 -12.44 4.59 -10.94
C ALA B 206 -13.25 3.36 -11.21
N SER B 207 -14.45 3.28 -10.66
CA SER B 207 -15.31 2.10 -10.87
C SER B 207 -15.76 1.98 -12.30
N GLY B 208 -15.78 3.11 -13.02
CA GLY B 208 -16.39 3.18 -14.34
C GLY B 208 -17.91 3.26 -14.24
N GLY B 209 -18.45 3.53 -13.05
CA GLY B 209 -19.90 3.66 -12.84
C GLY B 209 -20.77 2.58 -13.46
N SER B 210 -22.09 2.78 -13.42
CA SER B 210 -23.05 1.75 -13.80
C SER B 210 -23.23 1.54 -15.29
N PHE B 211 -22.60 2.38 -16.12
CA PHE B 211 -22.72 2.21 -17.57
C PHE B 211 -21.40 1.75 -18.20
N LEU B 212 -20.50 1.18 -17.39
CA LEU B 212 -19.21 0.73 -17.90
C LEU B 212 -19.34 -0.33 -18.99
N ASP B 213 -20.19 -1.35 -18.77
CA ASP B 213 -20.39 -2.41 -19.75
C ASP B 213 -21.74 -2.26 -20.43
N LYS B 214 -21.99 -1.07 -20.97
CA LYS B 214 -23.24 -0.78 -21.67
C LYS B 214 -22.93 0.09 -22.87
N SER B 215 -23.75 0.02 -23.91
CA SER B 215 -23.51 0.80 -25.13
C SER B 215 -23.69 2.29 -24.89
N ILE B 216 -23.32 3.11 -25.87
CA ILE B 216 -23.60 4.55 -25.80
C ILE B 216 -25.11 4.77 -25.92
N LYS B 217 -25.77 3.96 -26.74
CA LYS B 217 -27.22 4.03 -26.91
C LYS B 217 -27.89 3.93 -25.53
N GLN B 218 -27.58 2.89 -24.76
CA GLN B 218 -28.20 2.68 -23.44
C GLN B 218 -27.88 3.79 -22.42
N MET B 219 -26.76 4.47 -22.64
CA MET B 219 -26.33 5.58 -21.79
C MET B 219 -27.14 6.84 -22.05
N GLN B 220 -27.53 7.06 -23.31
CA GLN B 220 -28.45 8.16 -23.65
C GLN B 220 -29.82 7.93 -22.99
N ASN B 221 -30.39 6.75 -23.24
CA ASN B 221 -31.69 6.36 -22.72
C ASN B 221 -31.77 6.19 -21.21
N ALA B 222 -30.64 6.22 -20.52
CA ALA B 222 -30.61 6.03 -19.08
C ALA B 222 -31.70 6.84 -18.41
N SER B 223 -32.46 6.17 -17.54
CA SER B 223 -33.37 6.83 -16.63
C SER B 223 -32.55 7.32 -15.43
N VAL B 224 -33.19 8.03 -14.53
CA VAL B 224 -32.49 8.63 -13.41
C VAL B 224 -32.17 7.53 -12.39
N LYS B 225 -33.13 6.64 -12.17
CA LYS B 225 -32.95 5.46 -11.31
C LYS B 225 -31.70 4.66 -11.71
N GLU B 226 -31.49 4.44 -13.01
CA GLU B 226 -30.33 3.72 -13.49
C GLU B 226 -29.07 4.52 -13.18
N ALA B 227 -29.07 5.81 -13.47
CA ALA B 227 -27.87 6.63 -13.24
C ALA B 227 -27.55 6.81 -11.76
N VAL B 228 -28.57 6.99 -10.93
CA VAL B 228 -28.35 7.30 -9.51
C VAL B 228 -27.82 6.11 -8.72
N ASN B 229 -28.18 4.88 -9.08
CA ASN B 229 -27.74 3.71 -8.34
C ASN B 229 -26.39 3.16 -8.82
N HIS B 230 -25.54 2.83 -7.87
CA HIS B 230 -24.17 2.42 -8.13
C HIS B 230 -23.95 1.00 -7.63
N PRO B 231 -23.22 0.17 -8.40
CA PRO B 231 -23.04 -1.25 -8.04
C PRO B 231 -22.43 -1.50 -6.67
N ASN B 232 -21.44 -0.69 -6.29
CA ASN B 232 -20.66 -0.88 -5.09
C ASN B 232 -20.82 0.13 -3.97
N TRP B 233 -21.32 1.32 -4.27
CA TRP B 233 -21.31 2.43 -3.31
C TRP B 233 -22.72 2.94 -3.14
N SER B 234 -23.06 3.33 -1.92
CA SER B 234 -24.32 4.04 -1.70
C SER B 234 -23.99 5.48 -1.30
N MET B 235 -24.36 6.46 -2.13
CA MET B 235 -23.89 7.83 -1.92
C MET B 235 -24.97 8.86 -2.15
N GLY B 236 -24.59 10.14 -2.03
CA GLY B 236 -25.46 11.24 -2.36
C GLY B 236 -25.83 11.15 -3.82
N GLN B 237 -26.87 11.90 -4.20
CA GLN B 237 -27.35 11.97 -5.57
C GLN B 237 -26.32 12.48 -6.57
N LYS B 238 -25.66 13.58 -6.25
CA LYS B 238 -24.78 14.24 -7.22
C LYS B 238 -23.55 13.41 -7.56
N ILE B 239 -22.86 12.91 -6.53
CA ILE B 239 -21.68 12.11 -6.73
C ILE B 239 -22.07 10.81 -7.43
N SER B 240 -23.29 10.36 -7.25
CA SER B 240 -23.74 9.21 -7.99
C SER B 240 -23.81 9.51 -9.49
N ILE B 241 -24.37 10.65 -9.88
CA ILE B 241 -24.47 10.97 -11.31
C ILE B 241 -23.06 11.21 -11.88
N ASP B 242 -22.22 11.85 -11.09
CA ASP B 242 -20.86 12.10 -11.49
C ASP B 242 -20.08 10.80 -11.70
N SER B 243 -20.38 9.78 -10.90
CA SER B 243 -19.73 8.51 -11.03
C SER B 243 -20.09 7.84 -12.34
N ALA B 244 -21.37 7.91 -12.69
CA ALA B 244 -21.92 7.38 -13.95
C ALA B 244 -21.30 8.00 -15.20
N THR B 245 -20.97 9.30 -15.13
CA THR B 245 -20.41 10.03 -16.29
C THR B 245 -18.89 10.07 -16.21
N MET B 246 -18.36 9.78 -15.04
CA MET B 246 -16.95 9.83 -14.75
C MET B 246 -16.42 11.25 -14.54
N MET B 247 -17.30 12.23 -14.48
CA MET B 247 -16.92 13.52 -13.97
C MET B 247 -16.33 13.44 -12.53
N ASN B 248 -16.78 12.46 -11.74
CA ASN B 248 -16.25 12.31 -10.39
C ASN B 248 -14.71 12.17 -10.35
N LYS B 249 -14.18 11.36 -11.27
CA LYS B 249 -12.73 11.19 -11.38
C LYS B 249 -12.04 12.45 -11.87
N GLY B 250 -12.67 13.13 -12.82
CA GLY B 250 -12.25 14.45 -13.22
C GLY B 250 -12.06 15.41 -12.06
N LEU B 251 -13.07 15.53 -11.21
CA LEU B 251 -12.97 16.40 -10.06
C LEU B 251 -11.92 15.89 -9.09
N GLU B 252 -11.84 14.56 -8.97
CA GLU B 252 -10.84 13.92 -8.12
C GLU B 252 -9.43 14.18 -8.66
N LEU B 253 -9.29 14.23 -9.98
CA LEU B 253 -8.01 14.65 -10.61
C LEU B 253 -7.53 16.02 -10.14
N ILE B 254 -8.43 17.00 -10.10
CA ILE B 254 -8.05 18.35 -9.71
C ILE B 254 -7.80 18.42 -8.21
N GLU B 255 -8.64 17.73 -7.45
CA GLU B 255 -8.51 17.67 -6.01
C GLU B 255 -7.12 17.14 -5.65
N ALA B 256 -6.72 16.06 -6.31
CA ALA B 256 -5.40 15.46 -6.05
C ALA B 256 -4.28 16.43 -6.37
N CYS B 257 -4.40 17.13 -7.52
CA CYS B 257 -3.44 18.16 -7.92
C CYS B 257 -3.14 19.13 -6.78
N HIS B 258 -4.17 19.70 -6.16
CA HIS B 258 -3.94 20.68 -5.08
C HIS B 258 -3.54 20.03 -3.78
N LEU B 259 -4.15 18.90 -3.47
CA LEU B 259 -3.87 18.22 -2.21
C LEU B 259 -2.42 17.79 -2.09
N PHE B 260 -1.91 17.22 -3.16
CA PHE B 260 -0.55 16.68 -3.14
C PHE B 260 0.42 17.48 -3.98
N ASP B 261 -0.01 18.68 -4.40
CA ASP B 261 0.84 19.66 -5.03
C ASP B 261 1.47 19.18 -6.33
N LEU B 262 0.65 18.62 -7.22
CA LEU B 262 1.14 18.11 -8.50
C LEU B 262 0.39 18.68 -9.67
N LYS B 263 0.87 18.43 -10.87
CA LYS B 263 0.14 18.79 -12.07
C LYS B 263 -0.48 17.54 -12.66
N GLU B 264 -1.48 17.74 -13.50
CA GLU B 264 -2.26 16.64 -14.00
C GLU B 264 -1.46 15.54 -14.69
N HIS B 265 -0.34 15.90 -15.29
CA HIS B 265 0.49 14.91 -16.00
C HIS B 265 1.02 13.84 -15.04
N GLN B 266 1.31 14.22 -13.80
CA GLN B 266 1.70 13.27 -12.77
C GLN B 266 0.59 12.41 -12.16
N ILE B 267 -0.64 12.46 -12.67
CA ILE B 267 -1.79 11.78 -12.03
C ILE B 267 -2.62 11.11 -13.10
N GLN B 268 -2.69 9.80 -13.07
CA GLN B 268 -3.32 9.05 -14.13
C GLN B 268 -4.46 8.24 -13.62
N VAL B 269 -5.26 7.70 -14.53
CA VAL B 269 -6.50 7.06 -14.16
C VAL B 269 -6.66 5.67 -14.77
N VAL B 270 -7.04 4.73 -13.90
CA VAL B 270 -7.27 3.35 -14.28
C VAL B 270 -8.70 2.97 -13.87
N ILE B 271 -9.41 2.32 -14.79
CA ILE B 271 -10.70 1.70 -14.49
C ILE B 271 -10.52 0.43 -13.67
N HIS B 272 -11.34 0.27 -12.62
CA HIS B 272 -11.26 -0.87 -11.72
C HIS B 272 -12.64 -1.09 -11.17
N PRO B 273 -13.43 -1.96 -11.80
CA PRO B 273 -14.86 -2.04 -11.43
C PRO B 273 -15.16 -2.61 -10.05
N ASN B 274 -14.24 -3.35 -9.46
CA ASN B 274 -14.49 -4.05 -8.19
C ASN B 274 -14.51 -3.08 -7.02
N SER B 275 -13.93 -1.91 -7.18
CA SER B 275 -13.88 -0.90 -6.11
C SER B 275 -13.23 -1.43 -4.84
N VAL B 276 -12.27 -2.33 -5.01
CA VAL B 276 -11.45 -2.85 -3.91
C VAL B 276 -10.12 -2.07 -3.72
N VAL B 277 -9.32 -2.01 -4.76
CA VAL B 277 -8.18 -1.12 -4.79
C VAL B 277 -8.67 0.30 -4.99
N HIS B 278 -8.30 1.18 -4.07
CA HIS B 278 -8.85 2.51 -4.02
C HIS B 278 -7.93 3.63 -4.50
N SER B 279 -6.69 3.26 -4.81
CA SER B 279 -5.76 4.08 -5.57
C SER B 279 -4.33 3.62 -5.25
N LEU B 280 -3.36 4.11 -6.04
CA LEU B 280 -1.96 3.73 -5.84
C LEU B 280 -0.99 4.93 -5.96
N VAL B 281 0.17 4.81 -5.35
CA VAL B 281 1.29 5.70 -5.52
C VAL B 281 2.44 4.88 -6.09
N GLU B 282 2.92 5.28 -7.28
CA GLU B 282 4.05 4.63 -7.91
C GLU B 282 5.37 5.33 -7.58
N TYR B 283 6.37 4.54 -7.19
CA TYR B 283 7.69 5.04 -6.79
C TYR B 283 8.69 4.69 -7.84
N VAL B 284 9.89 5.27 -7.72
CA VAL B 284 10.91 5.12 -8.77
C VAL B 284 11.55 3.75 -8.86
N ASP B 285 11.51 2.97 -7.78
CA ASP B 285 12.04 1.61 -7.80
C ASP B 285 11.11 0.58 -8.39
N GLY B 286 9.90 0.97 -8.70
CA GLY B 286 8.91 0.03 -9.26
C GLY B 286 7.87 -0.44 -8.24
N SER B 287 7.93 0.06 -7.01
CA SER B 287 6.95 -0.23 -5.98
C SER B 287 5.70 0.60 -6.21
N PHE B 288 4.54 -0.07 -6.28
CA PHE B 288 3.24 0.62 -6.23
C PHE B 288 2.61 0.36 -4.86
N LEU B 289 2.55 1.37 -4.01
CA LEU B 289 1.86 1.24 -2.75
C LEU B 289 0.39 1.59 -2.94
N ALA B 290 -0.49 0.70 -2.48
CA ALA B 290 -1.89 0.87 -2.68
C ALA B 290 -2.67 0.58 -1.41
N GLN B 291 -3.87 1.16 -1.31
CA GLN B 291 -4.82 0.87 -0.24
C GLN B 291 -5.95 0.04 -0.83
N LEU B 292 -6.23 -1.08 -0.18
CA LEU B 292 -7.32 -1.97 -0.57
C LEU B 292 -8.30 -2.01 0.57
N GLY B 293 -9.56 -2.32 0.28
CA GLY B 293 -10.58 -2.29 1.32
C GLY B 293 -11.92 -2.56 0.68
N THR B 294 -12.92 -2.94 1.48
CA THR B 294 -14.28 -3.02 0.95
C THR B 294 -14.68 -1.56 0.79
N PRO B 295 -15.42 -1.26 -0.28
CA PRO B 295 -15.81 0.13 -0.55
C PRO B 295 -16.86 0.66 0.45
N ASP B 296 -16.41 1.42 1.44
CA ASP B 296 -17.22 1.86 2.54
C ASP B 296 -16.52 3.05 3.13
N MET B 297 -17.16 4.22 3.08
CA MET B 297 -16.48 5.46 3.48
C MET B 297 -16.15 5.52 4.96
N LYS B 298 -16.56 4.55 5.75
CA LYS B 298 -16.20 4.56 7.14
C LYS B 298 -14.71 4.34 7.36
N THR B 299 -14.08 3.62 6.44
CA THR B 299 -12.63 3.36 6.50
C THR B 299 -11.79 4.67 6.38
N PRO B 300 -11.96 5.40 5.26
CA PRO B 300 -11.27 6.70 5.14
C PRO B 300 -11.64 7.71 6.22
N ILE B 301 -12.92 7.81 6.53
CA ILE B 301 -13.36 8.72 7.60
C ILE B 301 -12.70 8.36 8.92
N ALA B 302 -12.72 7.07 9.26
CA ALA B 302 -12.12 6.59 10.52
C ALA B 302 -10.61 6.87 10.60
N HIS B 303 -9.92 6.65 9.49
CA HIS B 303 -8.51 6.93 9.37
C HIS B 303 -8.20 8.40 9.60
N ALA B 304 -9.02 9.28 9.02
CA ALA B 304 -8.78 10.72 9.14
C ALA B 304 -9.12 11.25 10.53
N LEU B 305 -10.17 10.70 11.15
CA LEU B 305 -10.59 11.14 12.49
C LEU B 305 -9.57 10.87 13.56
N ALA B 306 -8.98 9.68 13.49
CA ALA B 306 -8.07 9.21 14.52
C ALA B 306 -6.65 9.58 14.27
N TYR B 307 -6.32 10.05 13.06
CA TYR B 307 -4.92 10.30 12.67
C TYR B 307 -4.21 11.14 13.76
N PRO B 308 -2.98 10.81 14.14
CA PRO B 308 -2.15 9.77 13.51
C PRO B 308 -2.48 8.35 13.94
N GLU B 309 -3.33 8.18 14.94
CA GLU B 309 -3.74 6.86 15.40
C GLU B 309 -4.70 6.19 14.43
N ARG B 310 -5.10 4.97 14.76
CA ARG B 310 -6.16 4.25 14.05
C ARG B 310 -7.16 3.69 15.04
N ILE B 311 -8.35 3.36 14.53
CA ILE B 311 -9.47 2.91 15.33
C ILE B 311 -10.38 2.04 14.50
N LYS B 312 -11.11 1.15 15.17
CA LYS B 312 -12.11 0.34 14.49
C LYS B 312 -13.10 1.27 13.80
N SER B 313 -13.58 0.86 12.64
CA SER B 313 -14.51 1.66 11.85
C SER B 313 -15.92 1.08 11.73
N GLY B 314 -16.10 -0.19 12.11
CA GLY B 314 -17.39 -0.85 11.90
C GLY B 314 -17.67 -1.29 10.46
N VAL B 315 -16.67 -1.32 9.59
CA VAL B 315 -16.86 -1.98 8.30
C VAL B 315 -16.70 -3.50 8.43
N MET B 316 -17.35 -4.21 7.52
CA MET B 316 -17.09 -5.62 7.30
C MET B 316 -15.81 -5.71 6.48
N PRO B 317 -14.70 -6.12 7.11
CA PRO B 317 -13.42 -6.09 6.37
C PRO B 317 -13.39 -6.98 5.14
N LEU B 318 -12.55 -6.62 4.18
CA LEU B 318 -12.39 -7.38 2.95
C LEU B 318 -11.93 -8.83 3.25
N ASP B 319 -12.65 -9.78 2.64
CA ASP B 319 -12.29 -11.18 2.66
C ASP B 319 -11.51 -11.44 1.37
N LEU B 320 -10.19 -11.56 1.47
CA LEU B 320 -9.35 -11.87 0.31
C LEU B 320 -9.63 -13.23 -0.30
N TYR B 321 -10.04 -14.21 0.51
CA TYR B 321 -10.37 -15.52 -0.06
C TYR B 321 -11.57 -15.52 -1.04
N GLN B 322 -12.45 -14.52 -0.92
CA GLN B 322 -13.69 -14.50 -1.70
C GLN B 322 -13.73 -13.39 -2.76
N LEU B 323 -12.57 -12.99 -3.27
CA LEU B 323 -12.50 -11.88 -4.20
C LEU B 323 -12.73 -12.31 -5.63
N GLY B 324 -11.94 -13.26 -6.08
CA GLY B 324 -12.00 -13.73 -7.46
C GLY B 324 -11.02 -12.99 -8.34
N SER B 325 -11.54 -12.10 -9.20
CA SER B 325 -10.72 -11.40 -10.15
C SER B 325 -10.90 -9.93 -9.93
N LEU B 326 -9.81 -9.24 -9.64
CA LEU B 326 -9.81 -7.81 -9.63
C LEU B 326 -9.43 -7.34 -11.03
N LYS B 327 -10.34 -6.63 -11.70
CA LYS B 327 -10.14 -6.20 -13.08
C LYS B 327 -9.55 -4.82 -13.16
N PHE B 328 -8.70 -4.61 -14.17
CA PHE B 328 -8.14 -3.32 -14.50
C PHE B 328 -8.18 -3.11 -16.01
N LEU B 329 -8.28 -1.85 -16.42
CA LEU B 329 -8.66 -1.51 -17.78
C LEU B 329 -8.35 -0.04 -18.05
N ALA B 330 -8.07 0.29 -19.30
CA ALA B 330 -7.85 1.69 -19.69
C ALA B 330 -9.17 2.44 -19.79
N PRO B 331 -9.15 3.72 -19.42
CA PRO B 331 -10.38 4.49 -19.57
C PRO B 331 -10.72 4.72 -21.04
N ASP B 332 -11.96 4.44 -21.42
CA ASP B 332 -12.52 4.74 -22.75
C ASP B 332 -12.96 6.21 -22.78
N LEU B 333 -12.16 7.07 -23.38
CA LEU B 333 -12.33 8.51 -23.22
C LEU B 333 -13.31 9.11 -24.24
N ASP B 334 -13.67 8.35 -25.25
CA ASP B 334 -14.75 8.81 -26.10
C ASP B 334 -15.99 8.69 -25.24
N LYS B 335 -16.15 7.51 -24.62
CA LYS B 335 -17.34 7.22 -23.82
C LYS B 335 -17.47 8.08 -22.54
N PHE B 336 -16.35 8.46 -21.92
CA PHE B 336 -16.36 9.23 -20.68
C PHE B 336 -15.62 10.53 -20.90
N ALA B 337 -16.23 11.35 -21.74
CA ALA B 337 -15.66 12.61 -22.15
C ALA B 337 -15.47 13.59 -21.00
N CYS B 338 -16.31 13.49 -19.97
CA CYS B 338 -16.15 14.31 -18.77
C CYS B 338 -14.74 14.24 -18.22
N LEU B 339 -14.15 13.04 -18.28
CA LEU B 339 -12.78 12.87 -17.79
C LEU B 339 -11.76 13.59 -18.70
N LYS B 340 -11.89 13.43 -20.02
CA LYS B 340 -11.16 14.26 -20.99
C LYS B 340 -11.23 15.74 -20.62
N LEU B 341 -12.45 16.25 -20.42
CA LEU B 341 -12.71 17.68 -20.23
C LEU B 341 -12.13 18.18 -18.92
N ALA B 342 -12.12 17.28 -17.94
CA ALA B 342 -11.63 17.60 -16.63
C ALA B 342 -10.14 17.79 -16.64
N ARG B 343 -9.46 16.94 -17.41
CA ARG B 343 -8.00 17.02 -17.54
C ARG B 343 -7.62 18.28 -18.33
N TYR B 344 -8.33 18.48 -19.45
CA TYR B 344 -8.26 19.74 -20.20
C TYR B 344 -8.39 20.95 -19.28
N ALA B 345 -9.44 20.99 -18.45
CA ALA B 345 -9.62 22.10 -17.49
C ALA B 345 -8.52 22.18 -16.46
N ALA B 346 -8.02 21.03 -16.01
CA ALA B 346 -6.94 21.02 -15.03
C ALA B 346 -5.70 21.67 -15.60
N ARG B 347 -5.44 21.43 -16.88
CA ARG B 347 -4.30 22.05 -17.54
C ARG B 347 -4.44 23.58 -17.65
N LEU B 348 -5.67 24.06 -17.85
CA LEU B 348 -5.94 25.52 -18.03
C LEU B 348 -5.97 26.30 -16.75
N GLY B 349 -6.12 25.63 -15.60
CA GLY B 349 -6.09 26.32 -14.30
C GLY B 349 -7.47 26.61 -13.71
N THR B 350 -7.50 27.41 -12.66
CA THR B 350 -8.69 27.53 -11.82
C THR B 350 -9.97 28.07 -12.49
N GLY B 351 -9.86 29.12 -13.30
CA GLY B 351 -11.00 29.64 -14.06
C GLY B 351 -11.75 28.56 -14.81
N ALA B 352 -11.01 27.69 -15.48
CA ALA B 352 -11.60 26.65 -16.28
C ALA B 352 -12.13 25.51 -15.41
N CYS B 353 -11.57 25.39 -14.21
CA CYS B 353 -12.00 24.38 -13.24
C CYS B 353 -13.30 24.77 -12.58
N ILE B 354 -13.49 26.07 -12.41
CA ILE B 354 -14.75 26.62 -11.98
C ILE B 354 -15.81 26.39 -13.05
N ALA B 355 -15.45 26.64 -14.30
CA ALA B 355 -16.37 26.45 -15.40
C ALA B 355 -16.77 25.01 -15.52
N LEU B 356 -15.78 24.14 -15.38
CA LEU B 356 -16.02 22.70 -15.37
C LEU B 356 -17.03 22.32 -14.30
N ASN B 357 -16.71 22.70 -13.06
CA ASN B 357 -17.49 22.28 -11.91
C ASN B 357 -18.92 22.81 -11.86
N THR B 358 -19.05 24.12 -12.05
CA THR B 358 -20.33 24.77 -11.99
C THR B 358 -21.21 24.33 -13.15
N ALA B 359 -20.66 24.31 -14.36
CA ALA B 359 -21.48 23.84 -15.49
C ALA B 359 -21.95 22.43 -15.14
N ASN B 360 -21.08 21.64 -14.52
CA ASN B 360 -21.45 20.27 -14.13
C ASN B 360 -22.60 20.24 -13.12
N GLU B 361 -22.52 21.09 -12.11
CA GLU B 361 -23.62 21.19 -11.13
C GLU B 361 -24.95 21.44 -11.83
N ILE B 362 -24.97 22.42 -12.73
CA ILE B 362 -26.19 22.85 -13.43
C ILE B 362 -26.68 21.73 -14.36
N ALA B 363 -25.80 21.11 -15.13
CA ALA B 363 -26.23 20.00 -15.97
C ALA B 363 -26.73 18.78 -15.16
N VAL B 364 -26.12 18.50 -14.01
CA VAL B 364 -26.58 17.35 -13.21
C VAL B 364 -27.98 17.62 -12.66
N GLU B 365 -28.21 18.83 -12.15
CA GLU B 365 -29.56 19.25 -11.74
C GLU B 365 -30.58 19.07 -12.85
N ALA B 366 -30.18 19.43 -14.07
CA ALA B 366 -31.04 19.25 -15.21
C ALA B 366 -31.31 17.77 -15.50
N PHE B 367 -30.30 16.92 -15.40
CA PHE B 367 -30.49 15.48 -15.60
C PHE B 367 -31.48 14.86 -14.59
N LEU B 368 -31.27 15.20 -13.33
CA LEU B 368 -32.11 14.73 -12.26
C LEU B 368 -33.52 15.27 -12.39
N ALA B 369 -33.67 16.47 -12.93
CA ALA B 369 -35.00 17.05 -13.12
C ALA B 369 -35.67 16.57 -14.41
N GLU B 370 -35.09 15.57 -15.06
CA GLU B 370 -35.66 14.93 -16.25
C GLU B 370 -35.78 15.88 -17.42
N LYS B 371 -34.78 16.76 -17.53
CA LYS B 371 -34.72 17.78 -18.58
C LYS B 371 -33.72 17.48 -19.70
N ILE B 372 -32.57 16.89 -19.35
CA ILE B 372 -31.62 16.42 -20.36
C ILE B 372 -31.35 14.93 -20.25
N CYS B 373 -30.76 14.40 -21.31
CA CYS B 373 -30.22 13.04 -21.33
C CYS B 373 -28.88 12.97 -20.61
N LEU B 374 -28.59 11.83 -20.01
CA LEU B 374 -27.33 11.62 -19.25
C LEU B 374 -26.11 12.05 -20.07
N THR B 375 -26.12 11.69 -21.34
CA THR B 375 -25.03 12.01 -22.24
C THR B 375 -24.92 13.48 -22.63
N ASP B 376 -25.93 14.27 -22.34
CA ASP B 376 -25.83 15.68 -22.62
C ASP B 376 -24.99 16.42 -21.61
N ILE B 377 -24.77 15.84 -20.44
CA ILE B 377 -23.96 16.51 -19.41
C ILE B 377 -22.58 16.91 -20.01
N ALA B 378 -21.97 16.00 -20.79
CA ALA B 378 -20.67 16.27 -21.40
C ALA B 378 -20.74 17.41 -22.43
N VAL B 379 -21.77 17.37 -23.28
CA VAL B 379 -21.99 18.46 -24.24
C VAL B 379 -22.03 19.81 -23.56
N ILE B 380 -22.92 19.95 -22.56
CA ILE B 380 -23.10 21.22 -21.84
C ILE B 380 -21.79 21.72 -21.29
N VAL B 381 -21.04 20.82 -20.66
CA VAL B 381 -19.76 21.18 -20.00
C VAL B 381 -18.68 21.60 -21.02
N LYS B 382 -18.61 20.93 -22.16
CA LYS B 382 -17.68 21.39 -23.18
C LYS B 382 -18.06 22.81 -23.59
N ALA B 383 -19.31 22.98 -24.04
CA ALA B 383 -19.77 24.26 -24.55
C ALA B 383 -19.44 25.40 -23.60
N CYS B 384 -19.66 25.17 -22.30
CA CYS B 384 -19.29 26.17 -21.32
C CYS B 384 -17.77 26.37 -21.22
N LEU B 385 -16.99 25.29 -21.35
CA LEU B 385 -15.52 25.43 -21.30
C LEU B 385 -15.01 26.21 -22.50
N ASP B 386 -15.61 25.93 -23.67
CA ASP B 386 -15.27 26.61 -24.91
C ASP B 386 -16.04 27.92 -25.16
N ASP B 387 -16.74 28.45 -24.17
CA ASP B 387 -17.51 29.69 -24.32
C ASP B 387 -16.62 30.91 -24.18
N LYS B 388 -16.72 31.84 -25.14
CA LYS B 388 -15.84 33.03 -25.19
C LYS B 388 -16.07 33.91 -23.98
N THR B 389 -17.34 34.03 -23.59
CA THR B 389 -17.69 34.89 -22.47
C THR B 389 -17.10 34.34 -21.18
N ILE B 390 -17.08 33.02 -21.04
CA ILE B 390 -16.47 32.40 -19.87
C ILE B 390 -14.95 32.44 -19.95
N ALA B 391 -14.41 31.99 -21.08
CA ALA B 391 -12.95 32.08 -21.33
C ALA B 391 -12.31 33.41 -20.90
N GLN B 392 -13.00 34.53 -21.05
CA GLN B 392 -12.41 35.81 -20.71
C GLN B 392 -11.97 35.88 -19.25
N ASP B 393 -12.54 35.03 -18.40
CA ASP B 393 -12.25 35.08 -16.96
C ASP B 393 -11.13 34.09 -16.56
N TYR B 394 -10.73 33.22 -17.49
CA TYR B 394 -9.73 32.19 -17.22
C TYR B 394 -8.35 32.70 -16.77
N SER B 395 -8.12 34.02 -16.73
CA SER B 395 -6.80 34.51 -16.41
C SER B 395 -6.75 35.44 -15.19
N GLN B 396 -7.80 35.44 -14.38
CA GLN B 396 -7.77 36.24 -13.15
C GLN B 396 -6.99 35.55 -12.06
N ASP B 397 -6.69 36.30 -11.02
CA ASP B 397 -6.03 35.77 -9.85
C ASP B 397 -7.13 35.28 -8.89
N PHE B 398 -7.59 34.06 -9.12
CA PHE B 398 -8.53 33.38 -8.22
C PHE B 398 -7.83 32.93 -6.93
N GLY B 399 -6.51 33.13 -6.86
CA GLY B 399 -5.71 32.73 -5.70
C GLY B 399 -5.35 33.87 -4.79
N ASP B 400 -5.91 35.04 -5.05
CA ASP B 400 -5.59 36.23 -4.25
C ASP B 400 -6.25 36.20 -2.87
N GLU B 401 -5.46 36.39 -1.81
CA GLU B 401 -5.94 36.18 -0.44
C GLU B 401 -6.94 37.21 0.05
N VAL B 402 -7.13 38.29 -0.71
CA VAL B 402 -8.03 39.36 -0.28
C VAL B 402 -9.20 39.52 -1.25
N LEU B 403 -8.96 39.31 -2.54
CA LEU B 403 -10.00 39.48 -3.56
C LEU B 403 -10.36 38.18 -4.30
N GLY B 404 -9.66 37.09 -3.98
CA GLY B 404 -9.85 35.82 -4.70
C GLY B 404 -11.26 35.24 -4.57
N LEU B 405 -11.79 35.27 -3.35
CA LEU B 405 -13.09 34.64 -3.11
C LEU B 405 -14.14 35.28 -3.98
N GLU B 406 -14.23 36.61 -3.87
CA GLU B 406 -15.23 37.41 -4.62
C GLU B 406 -15.23 37.09 -6.10
N ARG B 407 -14.03 36.86 -6.63
CA ARG B 407 -13.84 36.57 -8.04
C ARG B 407 -14.28 35.14 -8.42
N ILE B 408 -14.14 34.19 -7.50
CA ILE B 408 -14.63 32.79 -7.72
C ILE B 408 -16.17 32.74 -7.67
N LEU B 409 -16.77 33.39 -6.66
CA LEU B 409 -18.23 33.44 -6.51
C LEU B 409 -18.90 34.17 -7.68
N THR B 410 -18.26 35.22 -8.18
CA THR B 410 -18.79 35.95 -9.33
C THR B 410 -18.75 35.06 -10.56
N MET B 411 -17.63 34.39 -10.76
CA MET B 411 -17.42 33.56 -11.94
C MET B 411 -18.39 32.38 -11.93
N ASP B 412 -18.61 31.83 -10.74
CA ASP B 412 -19.66 30.84 -10.52
C ASP B 412 -21.05 31.29 -10.99
N LYS B 413 -21.48 32.48 -10.57
CA LYS B 413 -22.81 33.00 -11.00
C LYS B 413 -22.92 33.06 -12.52
N LYS B 414 -21.84 33.54 -13.16
CA LYS B 414 -21.82 33.64 -14.62
C LYS B 414 -21.97 32.28 -15.28
N VAL B 415 -21.26 31.29 -14.78
CA VAL B 415 -21.35 29.94 -15.36
C VAL B 415 -22.77 29.35 -15.20
N ARG B 416 -23.38 29.56 -14.03
CA ARG B 416 -24.75 29.08 -13.81
C ARG B 416 -25.69 29.65 -14.87
N LYS B 417 -25.67 30.98 -15.02
CA LYS B 417 -26.40 31.68 -16.10
C LYS B 417 -26.19 31.06 -17.49
N ILE B 418 -24.93 30.89 -17.90
CA ILE B 418 -24.61 30.41 -19.28
C ILE B 418 -24.89 28.92 -19.48
N ALA B 419 -24.56 28.08 -18.51
CA ALA B 419 -24.89 26.65 -18.58
C ALA B 419 -26.40 26.41 -18.72
N THR B 420 -27.19 27.13 -17.93
CA THR B 420 -28.63 27.14 -18.10
C THR B 420 -29.04 27.52 -19.54
N ALA B 421 -28.50 28.63 -20.05
CA ALA B 421 -28.81 29.06 -21.41
C ALA B 421 -28.43 27.97 -22.39
N LYS B 422 -27.22 27.44 -22.21
CA LYS B 422 -26.71 26.35 -23.04
C LYS B 422 -27.70 25.21 -23.09
N ILE B 423 -28.29 24.84 -21.95
CA ILE B 423 -29.29 23.74 -21.91
C ILE B 423 -30.51 24.05 -22.74
N LYS B 424 -31.11 25.22 -22.50
CA LYS B 424 -32.22 25.74 -23.35
C LYS B 424 -31.91 25.67 -24.85
N LEU B 425 -30.75 26.20 -25.24
CA LEU B 425 -30.30 26.16 -26.63
C LEU B 425 -30.23 24.74 -27.20
N LEU B 426 -29.59 23.82 -26.43
CA LEU B 426 -29.39 22.43 -26.85
C LEU B 426 -30.74 21.72 -27.09
N LYS B 427 -31.72 21.93 -26.23
CA LYS B 427 -33.04 21.31 -26.42
C LYS B 427 -33.76 21.76 -27.71
N GLN B 428 -33.20 22.74 -28.44
CA GLN B 428 -33.71 23.14 -29.77
C GLN B 428 -32.62 23.01 -30.87
N GLY B 429 -31.50 23.71 -30.73
CA GLY B 429 -30.38 23.67 -31.71
C GLY B 429 -29.42 24.85 -31.58
N ASP B 430 -28.12 24.62 -31.81
CA ASP B 430 -27.09 25.70 -31.90
C ASP B 430 -26.20 25.53 -33.13
#